data_2RIP
#
_entry.id   2RIP
#
_cell.length_a   69.220
_cell.length_b   69.220
_cell.length_c   409.220
_cell.angle_alpha   90.00
_cell.angle_beta   90.00
_cell.angle_gamma   90.00
#
_symmetry.space_group_name_H-M   'P 43 21 2'
#
loop_
_entity.id
_entity.type
_entity.pdbx_description
1 polymer 'Dipeptidyl peptidase 4'
2 branched alpha-D-mannopyranose-(1-6)-alpha-D-mannopyranose-(1-4)-2-acetamido-2-deoxy-beta-D-glucopyranose-(1-4)-2-acetamido-2-deoxy-beta-D-glucopyranose
3 branched 2-acetamido-2-deoxy-beta-D-glucopyranose-(1-4)-2-acetamido-2-deoxy-beta-D-glucopyranose
4 non-polymer 2-acetamido-2-deoxy-beta-D-glucopyranose
5 non-polymer (3R,4R)-4-(pyrrolidin-1-ylcarbonyl)-1-(quinoxalin-2-ylcarbonyl)pyrrolidin-3-amine
6 water water
#
_entity_poly.entity_id   1
_entity_poly.type   'polypeptide(L)'
_entity_poly.pdbx_seq_one_letter_code
;DSRKTYTLTDYLKNTYRLKLYSLRWISDHEYLYKQENNILVFNAEYGNSSVFLENSTFDEFGHSINDYSISPDGQFILLE
YNYVKQWRHSYTASYDIYDLNKRQLITEERIPNNTQWVTWSPVGHKLAYVWNNDIYVKIEPNLPSYRITWTGKEDIIYNG
ITDWVYEEEVFSAYSALWWSPNGTFLAYAQFNDTEVPLIEYSFYSDESLQYPKTVRVPYPKAGAVNPTVKFFVVNTDSLS
SVTNATSIQITAPASMLIGDHYLCDVTWATQERISLQWLRRIQNYSVMDICDYDESSGRWNCLVARQHIEMSTTGWVGRF
RPSEPHFTLDGNSFYKIISNEEGYRHICYFQIDKKDCTFITKGTWEVIGIEALTSDYLYYISNEYKGMPGGRNLYKIQLS
DYTKVTCLSCELNPERCQYYSVSFSKEAKYYQLRCSGPGLPLYTLHSSVNDKGLRVLEDNSALDKMLQNVQMPSKKLDFI
ILNETKFWYQMILPPHFDKSKKYPLLLDVYAGPCSQKADTVFRLNWATYLASTENIIVASFDGRGSGYQGDKIMHAINRR
LGTFEVEDQIEAARQFSKMGFVDNKRIAIWGWSYGGYVTSMVLGSGSGVFKCGIAVAPVSRWEYYDSVYTERYMGLPTPE
DNLDHYRNSTVMSRAENFKQVEYLLIHGTADDNVHFQQSAQISKALVDVGVDFQAMWYTDEDHGIASSTAHQHIYTHMSH
FIKQCFSLP
;
_entity_poly.pdbx_strand_id   A
#
loop_
_chem_comp.id
_chem_comp.type
_chem_comp.name
_chem_comp.formula
34Q non-polymer (3R,4R)-4-(pyrrolidin-1-ylcarbonyl)-1-(quinoxalin-2-ylcarbonyl)pyrrolidin-3-amine 'C18 H21 N5 O2'
MAN D-saccharide, alpha linking alpha-D-mannopyranose 'C6 H12 O6'
NAG D-saccharide, beta linking 2-acetamido-2-deoxy-beta-D-glucopyranose 'C8 H15 N O6'
#
# COMPACT_ATOMS: atom_id res chain seq x y z
N ASP A 1 -16.87 -19.17 33.44
CA ASP A 1 -17.00 -19.10 31.94
C ASP A 1 -16.30 -20.29 31.31
N SER A 2 -17.06 -21.00 30.49
CA SER A 2 -16.65 -22.32 30.05
C SER A 2 -16.47 -22.34 28.54
N ARG A 3 -16.65 -21.17 27.94
CA ARG A 3 -16.48 -21.01 26.49
C ARG A 3 -15.03 -21.23 26.11
N LYS A 4 -14.80 -21.84 24.94
CA LYS A 4 -13.45 -21.96 24.39
C LYS A 4 -12.82 -20.59 24.14
N THR A 5 -11.49 -20.59 24.03
CA THR A 5 -10.78 -19.35 23.73
C THR A 5 -10.42 -19.32 22.25
N TYR A 6 -9.97 -18.16 21.77
CA TYR A 6 -9.47 -18.03 20.40
C TYR A 6 -8.06 -18.59 20.41
N THR A 7 -7.88 -19.78 19.85
CA THR A 7 -6.60 -20.47 19.97
C THR A 7 -5.64 -20.09 18.83
N LEU A 8 -4.40 -20.53 18.94
CA LEU A 8 -3.41 -20.38 17.85
C LEU A 8 -3.85 -21.11 16.57
N THR A 9 -4.48 -22.27 16.71
CA THR A 9 -5.02 -22.97 15.56
C THR A 9 -6.12 -22.15 14.89
N ASP A 10 -6.99 -21.54 15.71
CA ASP A 10 -8.08 -20.79 15.14
C ASP A 10 -7.56 -19.79 14.10
N TYR A 11 -6.60 -18.93 14.50
CA TYR A 11 -5.93 -17.98 13.62
C TYR A 11 -5.19 -18.66 12.47
N LEU A 12 -4.32 -19.63 12.81
CA LEU A 12 -3.51 -20.32 11.82
C LEU A 12 -4.35 -21.14 10.85
N LYS A 13 -5.14 -22.07 11.37
CA LYS A 13 -6.02 -22.88 10.52
C LYS A 13 -7.15 -22.05 9.92
N ASN A 14 -7.33 -20.85 10.47
CA ASN A 14 -8.09 -19.81 9.82
C ASN A 14 -9.57 -20.09 9.97
N THR A 15 -9.95 -20.34 11.21
CA THR A 15 -11.22 -20.98 11.54
C THR A 15 -12.44 -20.04 11.45
N TYR A 16 -12.25 -18.80 11.92
CA TYR A 16 -13.30 -17.79 11.89
C TYR A 16 -12.99 -16.74 10.81
N ARG A 17 -13.63 -16.87 9.65
CA ARG A 17 -13.37 -15.98 8.52
C ARG A 17 -14.33 -14.77 8.50
N LEU A 18 -13.78 -13.57 8.28
CA LEU A 18 -14.61 -12.40 7.93
C LEU A 18 -15.10 -12.56 6.50
N LYS A 19 -16.39 -12.42 6.30
CA LYS A 19 -16.92 -12.41 4.95
C LYS A 19 -16.64 -11.05 4.35
N LEU A 20 -16.35 -11.06 3.06
CA LEU A 20 -16.05 -9.84 2.31
C LEU A 20 -17.20 -9.58 1.36
N TYR A 21 -17.28 -8.35 0.86
CA TYR A 21 -18.22 -8.07 -0.22
C TYR A 21 -17.50 -7.26 -1.28
N SER A 22 -16.74 -7.96 -2.11
CA SER A 22 -15.93 -7.37 -3.14
C SER A 22 -16.67 -7.28 -4.47
N LEU A 23 -16.89 -6.06 -4.95
CA LEU A 23 -17.58 -5.86 -6.22
C LEU A 23 -16.75 -5.07 -7.24
N ARG A 24 -17.07 -5.24 -8.52
CA ARG A 24 -16.47 -4.42 -9.56
C ARG A 24 -17.61 -3.74 -10.26
N TRP A 25 -17.76 -2.45 -10.05
CA TRP A 25 -18.71 -1.65 -10.82
C TRP A 25 -18.35 -1.78 -12.29
N ILE A 26 -19.35 -1.97 -13.15
CA ILE A 26 -19.08 -2.02 -14.59
C ILE A 26 -19.83 -0.95 -15.35
N SER A 27 -20.66 -0.19 -14.64
CA SER A 27 -21.44 0.86 -15.26
C SER A 27 -21.85 1.89 -14.22
N ASP A 28 -22.95 2.57 -14.47
CA ASP A 28 -23.43 3.56 -13.54
C ASP A 28 -24.40 2.98 -12.50
N HIS A 29 -24.96 1.80 -12.79
CA HIS A 29 -25.95 1.19 -11.90
C HIS A 29 -25.72 -0.31 -11.65
N GLU A 30 -24.92 -0.98 -12.49
CA GLU A 30 -24.61 -2.39 -12.26
C GLU A 30 -23.21 -2.62 -11.69
N TYR A 31 -23.04 -3.72 -10.95
CA TYR A 31 -21.72 -4.17 -10.49
C TYR A 31 -21.57 -5.68 -10.59
N LEU A 32 -20.34 -6.19 -10.60
CA LEU A 32 -20.10 -7.63 -10.66
C LEU A 32 -19.67 -8.17 -9.32
N TYR A 33 -20.12 -9.38 -8.99
CA TYR A 33 -19.85 -9.99 -7.70
C TYR A 33 -19.88 -11.51 -7.76
N LYS A 34 -19.02 -12.14 -6.94
CA LYS A 34 -18.80 -13.60 -6.93
C LYS A 34 -19.54 -14.36 -5.82
N GLN A 35 -20.41 -15.29 -6.24
CA GLN A 35 -21.10 -16.20 -5.32
C GLN A 35 -20.70 -17.63 -5.61
N GLU A 36 -19.94 -18.21 -4.69
CA GLU A 36 -19.24 -19.49 -4.90
C GLU A 36 -18.20 -19.37 -6.03
N ASN A 37 -18.58 -19.71 -7.27
CA ASN A 37 -17.62 -19.64 -8.39
C ASN A 37 -18.17 -19.12 -9.73
N ASN A 38 -19.47 -18.84 -9.77
CA ASN A 38 -20.05 -18.06 -10.85
C ASN A 38 -20.04 -16.55 -10.52
N ILE A 39 -20.10 -15.73 -11.58
CA ILE A 39 -20.13 -14.27 -11.46
C ILE A 39 -21.55 -13.77 -11.67
N LEU A 40 -22.06 -13.08 -10.66
CA LEU A 40 -23.35 -12.42 -10.74
C LEU A 40 -23.21 -10.94 -11.09
N VAL A 41 -24.11 -10.46 -11.94
CA VAL A 41 -24.27 -9.02 -12.19
C VAL A 41 -25.46 -8.53 -11.38
N PHE A 42 -25.36 -7.33 -10.82
CA PHE A 42 -26.39 -6.84 -9.93
C PHE A 42 -26.91 -5.48 -10.38
N ASN A 43 -28.19 -5.22 -10.12
CA ASN A 43 -28.75 -3.87 -10.23
C ASN A 43 -28.67 -3.15 -8.88
N ALA A 44 -28.08 -1.97 -8.90
CA ALA A 44 -27.88 -1.22 -7.68
C ALA A 44 -29.16 -0.62 -7.13
N GLU A 45 -30.11 -0.29 -8.00
CA GLU A 45 -31.34 0.31 -7.50
C GLU A 45 -32.29 -0.73 -6.86
N TYR A 46 -32.36 -1.92 -7.43
CA TYR A 46 -33.39 -2.86 -6.99
C TYR A 46 -32.92 -4.12 -6.25
N GLY A 47 -31.66 -4.50 -6.47
CA GLY A 47 -31.06 -5.65 -5.82
C GLY A 47 -30.98 -6.88 -6.70
N ASN A 48 -31.77 -6.91 -7.78
CA ASN A 48 -31.90 -8.12 -8.59
C ASN A 48 -30.63 -8.52 -9.32
N SER A 49 -30.56 -9.78 -9.75
CA SER A 49 -29.30 -10.38 -10.14
C SER A 49 -29.47 -11.42 -11.21
N SER A 50 -28.40 -11.71 -11.92
CA SER A 50 -28.44 -12.66 -13.01
C SER A 50 -27.11 -13.31 -13.06
N VAL A 51 -27.10 -14.54 -13.55
CA VAL A 51 -25.85 -15.19 -13.85
C VAL A 51 -25.23 -14.45 -15.05
N PHE A 52 -23.91 -14.25 -14.99
CA PHE A 52 -23.14 -13.72 -16.11
C PHE A 52 -22.19 -14.78 -16.68
N LEU A 53 -21.42 -15.40 -15.78
CA LEU A 53 -20.54 -16.51 -16.12
C LEU A 53 -20.62 -17.63 -15.09
N GLU A 54 -21.04 -18.81 -15.52
CA GLU A 54 -21.18 -19.98 -14.64
C GLU A 54 -19.82 -20.54 -14.20
N ASN A 55 -19.78 -21.20 -13.04
CA ASN A 55 -18.55 -21.86 -12.58
C ASN A 55 -18.25 -23.22 -13.24
N SER A 56 -18.76 -23.40 -14.45
CA SER A 56 -18.54 -24.60 -15.24
C SER A 56 -18.27 -24.23 -16.70
N THR A 57 -18.31 -22.92 -17.00
CA THR A 57 -18.14 -22.45 -18.36
C THR A 57 -16.71 -22.65 -18.83
N PHE A 58 -15.80 -22.86 -17.88
CA PHE A 58 -14.43 -23.15 -18.22
C PHE A 58 -13.92 -24.43 -17.56
N ASP A 59 -14.79 -25.45 -17.52
CA ASP A 59 -14.44 -26.81 -17.14
C ASP A 59 -13.51 -27.36 -18.21
N GLU A 60 -13.99 -27.31 -19.45
CA GLU A 60 -13.23 -27.69 -20.63
C GLU A 60 -12.46 -26.48 -21.13
N PHE A 61 -11.29 -26.29 -20.53
CA PHE A 61 -10.30 -25.30 -20.94
C PHE A 61 -8.95 -25.87 -20.54
N GLY A 62 -8.98 -26.78 -19.55
CA GLY A 62 -7.81 -27.53 -19.08
C GLY A 62 -6.71 -26.66 -18.51
N HIS A 63 -7.09 -25.52 -17.94
CA HIS A 63 -6.17 -24.59 -17.33
C HIS A 63 -6.91 -23.84 -16.23
N SER A 64 -6.34 -23.84 -15.03
CA SER A 64 -6.97 -23.17 -13.90
C SER A 64 -6.84 -21.63 -14.00
N ILE A 65 -7.99 -20.95 -13.94
CA ILE A 65 -8.08 -19.51 -14.15
C ILE A 65 -7.87 -18.79 -12.83
N ASN A 66 -7.14 -17.69 -12.88
CA ASN A 66 -6.68 -16.98 -11.69
C ASN A 66 -7.44 -15.68 -11.44
N ASP A 67 -7.75 -14.95 -12.49
CA ASP A 67 -8.55 -13.74 -12.39
C ASP A 67 -9.31 -13.57 -13.71
N TYR A 68 -9.78 -12.36 -14.00
CA TYR A 68 -10.54 -12.05 -15.22
C TYR A 68 -10.77 -10.55 -15.33
N SER A 69 -10.82 -10.06 -16.56
CA SER A 69 -11.13 -8.65 -16.78
C SER A 69 -12.12 -8.46 -17.92
N ILE A 70 -12.98 -7.48 -17.74
CA ILE A 70 -14.12 -7.25 -18.61
C ILE A 70 -13.91 -5.95 -19.39
N SER A 71 -14.05 -6.04 -20.70
CA SER A 71 -13.87 -4.88 -21.56
C SER A 71 -14.96 -3.87 -21.30
N PRO A 72 -14.61 -2.60 -21.36
CA PRO A 72 -15.54 -1.49 -21.07
C PRO A 72 -16.67 -1.31 -22.10
N ASP A 73 -17.18 -2.43 -22.59
CA ASP A 73 -18.34 -2.49 -23.46
C ASP A 73 -18.91 -3.89 -23.37
N GLY A 74 -18.59 -4.61 -22.30
CA GLY A 74 -19.19 -5.90 -21.99
C GLY A 74 -19.05 -6.99 -23.04
N GLN A 75 -18.20 -6.75 -24.03
CA GLN A 75 -18.14 -7.55 -25.26
C GLN A 75 -17.23 -8.77 -25.13
N PHE A 76 -16.07 -8.59 -24.49
CA PHE A 76 -15.09 -9.67 -24.32
C PHE A 76 -14.60 -9.80 -22.88
N ILE A 77 -14.18 -11.01 -22.53
CA ILE A 77 -13.62 -11.29 -21.21
C ILE A 77 -12.17 -11.75 -21.33
N LEU A 78 -11.28 -11.07 -20.62
CA LEU A 78 -9.88 -11.50 -20.51
C LEU A 78 -9.75 -12.52 -19.42
N LEU A 79 -8.99 -13.58 -19.67
CA LEU A 79 -8.78 -14.63 -18.68
C LEU A 79 -7.30 -14.82 -18.35
N GLU A 80 -6.97 -14.63 -17.09
CA GLU A 80 -5.60 -14.68 -16.59
C GLU A 80 -5.34 -16.03 -15.95
N TYR A 81 -4.45 -16.80 -16.56
CA TYR A 81 -3.99 -18.06 -15.99
C TYR A 81 -2.48 -18.14 -16.07
N ASN A 82 -1.90 -19.26 -15.61
CA ASN A 82 -0.43 -19.45 -15.48
C ASN A 82 0.25 -18.36 -14.68
N TYR A 83 -0.44 -17.87 -13.63
CA TYR A 83 0.06 -16.79 -12.80
C TYR A 83 1.30 -17.21 -12.05
N VAL A 84 2.31 -16.34 -12.06
CA VAL A 84 3.60 -16.55 -11.40
C VAL A 84 4.02 -15.26 -10.63
N LYS A 85 4.00 -15.26 -9.31
CA LYS A 85 4.34 -14.03 -8.57
C LYS A 85 5.77 -13.56 -8.82
N GLN A 86 5.96 -12.25 -8.89
CA GLN A 86 7.31 -11.72 -8.83
C GLN A 86 7.52 -10.97 -7.53
N TRP A 87 7.43 -9.64 -7.58
CA TRP A 87 7.53 -8.81 -6.36
C TRP A 87 6.16 -8.58 -5.68
N ARG A 88 6.00 -7.43 -5.02
CA ARG A 88 4.76 -7.16 -4.32
C ARG A 88 3.58 -7.09 -5.29
N HIS A 89 3.80 -6.49 -6.46
CA HIS A 89 2.72 -6.26 -7.40
C HIS A 89 2.90 -6.99 -8.73
N SER A 90 4.16 -7.24 -9.12
CA SER A 90 4.46 -7.82 -10.43
C SER A 90 4.16 -9.30 -10.49
N TYR A 91 3.90 -9.74 -11.71
CA TYR A 91 3.81 -11.16 -12.06
C TYR A 91 3.83 -11.38 -13.56
N THR A 92 3.74 -12.63 -13.97
CA THR A 92 3.66 -12.99 -15.38
C THR A 92 2.54 -13.98 -15.50
N ALA A 93 1.74 -13.84 -16.54
CA ALA A 93 0.67 -14.79 -16.77
C ALA A 93 0.49 -15.09 -18.25
N SER A 94 -0.27 -16.14 -18.52
CA SER A 94 -0.82 -16.35 -19.83
C SER A 94 -2.21 -15.75 -19.86
N TYR A 95 -2.67 -15.37 -21.04
CA TYR A 95 -4.00 -14.78 -21.18
C TYR A 95 -4.70 -15.28 -22.44
N ASP A 96 -5.98 -15.62 -22.30
CA ASP A 96 -6.86 -15.86 -23.43
C ASP A 96 -8.03 -14.90 -23.36
N ILE A 97 -8.63 -14.60 -24.52
CA ILE A 97 -9.82 -13.74 -24.59
C ILE A 97 -11.03 -14.51 -25.13
N TYR A 98 -12.20 -14.19 -24.61
CA TYR A 98 -13.43 -14.91 -24.93
C TYR A 98 -14.46 -13.93 -25.43
N ASP A 99 -14.92 -14.11 -26.68
CA ASP A 99 -16.03 -13.33 -27.24
C ASP A 99 -17.33 -13.74 -26.55
N LEU A 100 -17.91 -12.81 -25.79
CA LEU A 100 -19.02 -13.14 -24.91
C LEU A 100 -20.31 -13.34 -25.67
N ASN A 101 -20.40 -12.67 -26.82
CA ASN A 101 -21.57 -12.74 -27.68
C ASN A 101 -21.63 -14.05 -28.49
N LYS A 102 -20.53 -14.37 -29.16
CA LYS A 102 -20.44 -15.58 -29.99
C LYS A 102 -20.13 -16.82 -29.16
N ARG A 103 -20.01 -16.64 -27.84
CA ARG A 103 -19.65 -17.70 -26.88
C ARG A 103 -18.34 -18.47 -27.22
N GLN A 104 -17.35 -17.75 -27.74
CA GLN A 104 -16.17 -18.40 -28.31
C GLN A 104 -14.84 -17.75 -27.93
N LEU A 105 -13.88 -18.57 -27.51
CA LEU A 105 -12.51 -18.11 -27.22
C LEU A 105 -11.67 -18.07 -28.49
N ILE A 106 -10.92 -16.97 -28.63
CA ILE A 106 -10.13 -16.67 -29.81
C ILE A 106 -8.88 -17.57 -29.94
N THR A 107 -8.54 -17.93 -31.19
CA THR A 107 -7.36 -18.77 -31.48
C THR A 107 -6.30 -18.15 -32.37
N GLU A 108 -6.66 -17.14 -33.17
CA GLU A 108 -5.69 -16.45 -34.04
C GLU A 108 -5.09 -15.20 -33.37
N GLU A 109 -3.79 -15.05 -33.51
CA GLU A 109 -3.06 -13.97 -32.83
C GLU A 109 -3.37 -13.89 -31.33
N ARG A 110 -2.97 -14.93 -30.59
CA ARG A 110 -3.14 -14.97 -29.13
C ARG A 110 -2.14 -14.05 -28.40
N ILE A 111 -2.49 -13.61 -27.19
CA ILE A 111 -1.57 -12.87 -26.30
C ILE A 111 -0.50 -13.85 -25.85
N PRO A 112 0.77 -13.50 -26.05
CA PRO A 112 1.88 -14.44 -25.81
C PRO A 112 2.06 -14.81 -24.34
N ASN A 113 2.66 -15.97 -24.11
CA ASN A 113 2.92 -16.44 -22.76
C ASN A 113 3.97 -15.59 -22.02
N ASN A 114 3.92 -15.61 -20.68
CA ASN A 114 4.76 -14.76 -19.83
C ASN A 114 4.62 -13.27 -20.13
N THR A 115 3.40 -12.80 -20.18
CA THR A 115 3.15 -11.39 -20.35
C THR A 115 3.29 -10.71 -19.02
N GLN A 116 4.02 -9.61 -18.99
CA GLN A 116 4.17 -8.83 -17.78
C GLN A 116 2.93 -8.05 -17.38
N TRP A 117 2.17 -7.55 -18.35
CA TRP A 117 1.06 -6.67 -18.06
C TRP A 117 0.08 -6.57 -19.21
N VAL A 118 -1.20 -6.31 -18.90
CA VAL A 118 -2.25 -6.15 -19.91
C VAL A 118 -3.41 -5.35 -19.35
N THR A 119 -3.86 -4.36 -20.10
CA THR A 119 -4.93 -3.51 -19.63
C THR A 119 -5.81 -3.06 -20.79
N TRP A 120 -7.12 -3.20 -20.63
CA TRP A 120 -8.07 -2.70 -21.63
C TRP A 120 -7.94 -1.18 -21.77
N SER A 121 -8.43 -0.64 -22.89
CA SER A 121 -8.67 0.80 -22.99
C SER A 121 -9.83 1.14 -22.08
N PRO A 122 -10.02 2.40 -21.71
CA PRO A 122 -11.19 2.80 -20.92
C PRO A 122 -12.54 2.60 -21.63
N VAL A 123 -12.63 2.87 -22.93
CA VAL A 123 -13.85 2.57 -23.70
C VAL A 123 -13.53 1.49 -24.73
N GLY A 124 -14.54 0.84 -25.29
CA GLY A 124 -14.30 -0.11 -26.35
C GLY A 124 -13.50 -1.34 -25.91
N HIS A 125 -12.71 -1.89 -26.82
CA HIS A 125 -12.04 -3.19 -26.59
C HIS A 125 -10.59 -3.24 -27.06
N LYS A 126 -9.91 -2.09 -27.05
CA LYS A 126 -8.48 -2.10 -27.27
C LYS A 126 -7.76 -2.67 -26.03
N LEU A 127 -6.82 -3.57 -26.30
CA LEU A 127 -5.89 -4.05 -25.30
C LEU A 127 -4.58 -3.35 -25.57
N ALA A 128 -3.78 -3.26 -24.52
CA ALA A 128 -2.34 -3.05 -24.64
C ALA A 128 -1.71 -4.08 -23.73
N TYR A 129 -0.49 -4.49 -24.04
CA TYR A 129 0.19 -5.45 -23.20
C TYR A 129 1.72 -5.29 -23.25
N VAL A 130 2.41 -5.75 -22.20
CA VAL A 130 3.87 -5.70 -22.14
C VAL A 130 4.36 -7.12 -22.10
N TRP A 131 5.26 -7.48 -23.01
CA TRP A 131 5.82 -8.82 -23.09
C TRP A 131 7.28 -8.72 -23.51
N ASN A 132 8.17 -9.44 -22.83
CA ASN A 132 9.62 -9.20 -22.93
C ASN A 132 9.91 -7.72 -22.97
N ASN A 133 9.34 -6.96 -22.03
CA ASN A 133 9.70 -5.56 -21.80
C ASN A 133 9.33 -4.56 -22.89
N ASP A 134 8.39 -4.92 -23.77
CA ASP A 134 7.97 -3.99 -24.80
C ASP A 134 6.45 -3.89 -24.86
N ILE A 135 5.98 -2.70 -25.28
CA ILE A 135 4.55 -2.40 -25.46
C ILE A 135 4.04 -2.88 -26.82
N TYR A 136 2.86 -3.51 -26.80
CA TYR A 136 2.14 -4.02 -27.98
C TYR A 136 0.69 -3.57 -27.90
N VAL A 137 0.07 -3.27 -29.04
CA VAL A 137 -1.31 -2.82 -29.03
C VAL A 137 -2.16 -3.67 -29.97
N LYS A 138 -3.15 -4.35 -29.40
CA LYS A 138 -4.15 -5.05 -30.16
C LYS A 138 -5.35 -4.12 -30.28
N ILE A 139 -5.76 -3.80 -31.51
CA ILE A 139 -6.95 -2.97 -31.74
C ILE A 139 -8.25 -3.77 -31.55
N GLU A 140 -8.28 -4.96 -32.13
CA GLU A 140 -9.39 -5.88 -31.89
C GLU A 140 -8.82 -7.21 -31.38
N PRO A 141 -9.55 -7.88 -30.50
CA PRO A 141 -9.06 -9.09 -29.83
C PRO A 141 -8.47 -10.21 -30.69
N ASN A 142 -8.43 -10.06 -32.01
CA ASN A 142 -7.89 -11.13 -32.87
C ASN A 142 -7.21 -10.72 -34.20
N LEU A 143 -6.77 -9.47 -34.29
CA LEU A 143 -5.88 -9.05 -35.36
C LEU A 143 -4.46 -8.93 -34.81
N PRO A 144 -3.45 -9.03 -35.67
CA PRO A 144 -2.05 -8.95 -35.22
C PRO A 144 -1.76 -7.65 -34.47
N SER A 145 -1.00 -7.74 -33.40
CA SER A 145 -0.73 -6.55 -32.59
C SER A 145 0.37 -5.68 -33.16
N TYR A 146 0.30 -4.40 -32.85
CA TYR A 146 1.34 -3.44 -33.24
C TYR A 146 2.42 -3.23 -32.16
N ARG A 147 3.66 -3.53 -32.50
CA ARG A 147 4.77 -3.28 -31.61
C ARG A 147 5.08 -1.79 -31.54
N ILE A 148 4.89 -1.22 -30.35
CA ILE A 148 5.11 0.19 -30.07
C ILE A 148 6.56 0.49 -29.74
N THR A 149 7.22 -0.43 -29.02
CA THR A 149 8.64 -0.24 -28.70
C THR A 149 9.53 -1.42 -29.08
N TRP A 150 10.82 -1.14 -29.16
CA TRP A 150 11.80 -2.12 -29.62
C TRP A 150 13.06 -2.08 -28.74
N THR A 151 13.02 -1.22 -27.71
CA THR A 151 14.15 -1.01 -26.82
C THR A 151 14.20 -1.97 -25.62
N GLY A 152 13.14 -2.75 -25.45
CA GLY A 152 12.98 -3.56 -24.25
C GLY A 152 14.08 -4.58 -24.06
N LYS A 153 14.72 -4.56 -22.88
CA LYS A 153 15.75 -5.54 -22.50
C LYS A 153 15.64 -5.97 -21.03
N GLU A 154 15.63 -7.29 -20.79
CA GLU A 154 15.62 -7.86 -19.45
C GLU A 154 16.56 -7.12 -18.53
N ASP A 155 16.07 -6.66 -17.39
CA ASP A 155 16.88 -6.00 -16.35
C ASP A 155 17.48 -4.66 -16.75
N ILE A 156 17.29 -4.25 -18.00
CA ILE A 156 17.97 -3.06 -18.48
C ILE A 156 17.01 -1.95 -18.92
N ILE A 157 16.14 -2.25 -19.87
CA ILE A 157 15.13 -1.28 -20.31
C ILE A 157 13.76 -1.89 -20.14
N TYR A 158 12.93 -1.15 -19.40
CA TYR A 158 11.54 -1.50 -19.13
C TYR A 158 10.68 -0.48 -19.86
N ASN A 159 9.90 -0.97 -20.82
CA ASN A 159 8.90 -0.17 -21.54
C ASN A 159 7.49 -0.47 -21.05
N GLY A 160 6.90 0.49 -20.36
CA GLY A 160 5.52 0.41 -19.90
C GLY A 160 5.28 -0.51 -18.72
N ILE A 161 6.36 -0.87 -18.03
CA ILE A 161 6.31 -1.55 -16.74
C ILE A 161 7.39 -0.95 -15.86
N THR A 162 7.19 -0.96 -14.55
CA THR A 162 8.17 -0.34 -13.68
C THR A 162 9.27 -1.32 -13.37
N ASP A 163 10.42 -0.82 -12.87
CA ASP A 163 11.52 -1.67 -12.40
C ASP A 163 11.34 -1.92 -10.90
N TRP A 164 12.27 -2.64 -10.25
CA TRP A 164 12.02 -2.99 -8.85
C TRP A 164 11.67 -1.78 -8.03
N VAL A 165 12.56 -0.80 -7.99
CA VAL A 165 12.34 0.30 -7.06
C VAL A 165 11.09 1.16 -7.41
N TYR A 166 10.78 1.21 -8.70
CA TYR A 166 9.61 1.99 -9.09
C TYR A 166 8.31 1.32 -8.68
N GLU A 167 8.24 0.01 -8.92
CA GLU A 167 7.16 -0.85 -8.45
C GLU A 167 6.82 -0.66 -6.95
N GLU A 168 7.81 -0.84 -6.08
CA GLU A 168 7.59 -0.75 -4.64
C GLU A 168 7.31 0.64 -4.08
N GLU A 169 8.21 1.59 -4.34
CA GLU A 169 8.29 2.87 -3.63
C GLU A 169 7.67 4.11 -4.30
N VAL A 170 7.23 3.98 -5.55
CA VAL A 170 6.67 5.12 -6.29
C VAL A 170 5.29 4.84 -6.87
N PHE A 171 5.19 3.82 -7.69
CA PHE A 171 3.90 3.57 -8.34
C PHE A 171 3.01 2.56 -7.60
N SER A 172 3.58 1.78 -6.69
CA SER A 172 2.84 0.72 -6.00
C SER A 172 2.16 -0.14 -7.05
N ALA A 173 2.85 -0.40 -8.15
CA ALA A 173 2.30 -1.14 -9.30
C ALA A 173 3.37 -1.56 -10.31
N TYR A 174 3.11 -2.66 -11.01
CA TYR A 174 3.97 -3.13 -12.09
C TYR A 174 3.67 -2.28 -13.33
N SER A 175 2.39 -1.93 -13.45
CA SER A 175 1.86 -1.16 -14.56
C SER A 175 2.43 0.25 -14.69
N ALA A 176 2.94 0.55 -15.88
CA ALA A 176 3.43 1.86 -16.23
C ALA A 176 2.82 2.38 -17.52
N LEU A 177 1.54 2.08 -17.73
CA LEU A 177 0.80 2.59 -18.89
C LEU A 177 -0.41 3.37 -18.47
N TRP A 178 -0.73 4.39 -19.26
CA TRP A 178 -1.97 5.14 -19.04
C TRP A 178 -2.66 5.47 -20.36
N TRP A 179 -3.84 4.88 -20.53
CA TRP A 179 -4.70 5.21 -21.64
C TRP A 179 -5.34 6.57 -21.39
N SER A 180 -5.59 7.33 -22.46
CA SER A 180 -6.47 8.50 -22.39
C SER A 180 -7.94 8.06 -22.28
N PRO A 181 -8.82 8.88 -21.68
CA PRO A 181 -10.21 8.46 -21.45
C PRO A 181 -10.90 8.01 -22.75
N ASN A 182 -10.67 8.76 -23.82
CA ASN A 182 -11.14 8.48 -25.17
C ASN A 182 -10.72 7.11 -25.64
N GLY A 183 -9.52 6.69 -25.22
CA GLY A 183 -8.90 5.49 -25.76
C GLY A 183 -8.03 5.76 -27.00
N THR A 184 -7.81 7.03 -27.29
CA THR A 184 -7.03 7.43 -28.48
C THR A 184 -5.52 7.33 -28.24
N PHE A 185 -5.05 7.84 -27.10
CA PHE A 185 -3.62 7.84 -26.79
C PHE A 185 -3.18 6.73 -25.83
N LEU A 186 -1.89 6.41 -25.88
CA LEU A 186 -1.24 5.58 -24.87
C LEU A 186 0.06 6.24 -24.41
N ALA A 187 0.07 6.72 -23.18
CA ALA A 187 1.28 7.19 -22.52
C ALA A 187 1.95 6.08 -21.69
N TYR A 188 3.28 6.07 -21.70
CA TYR A 188 4.06 5.08 -20.98
C TYR A 188 5.34 5.69 -20.57
N ALA A 189 5.85 5.26 -19.42
CA ALA A 189 7.19 5.60 -19.02
C ALA A 189 8.10 4.50 -19.49
N GLN A 190 9.38 4.82 -19.61
CA GLN A 190 10.39 3.82 -19.92
C GLN A 190 11.53 4.03 -18.97
N PHE A 191 11.98 2.92 -18.39
CA PHE A 191 12.99 2.95 -17.33
C PHE A 191 14.26 2.31 -17.82
N ASN A 192 15.38 2.97 -17.50
CA ASN A 192 16.73 2.59 -17.89
C ASN A 192 17.55 2.20 -16.65
N ASP A 193 17.91 0.91 -16.58
CA ASP A 193 18.52 0.32 -15.39
C ASP A 193 20.02 -0.06 -15.53
N THR A 194 20.72 0.64 -16.42
CA THR A 194 22.02 0.18 -16.92
C THR A 194 23.17 0.24 -15.90
N GLU A 195 23.19 1.29 -15.10
CA GLU A 195 24.30 1.53 -14.18
C GLU A 195 23.96 1.22 -12.70
N VAL A 196 22.76 0.69 -12.50
CA VAL A 196 22.22 0.31 -11.21
C VAL A 196 22.82 -1.01 -10.70
N PRO A 197 23.41 -0.99 -9.51
CA PRO A 197 24.10 -2.18 -9.00
C PRO A 197 23.07 -3.24 -8.80
N LEU A 198 23.44 -4.53 -8.84
CA LEU A 198 22.47 -5.58 -8.53
C LEU A 198 22.63 -6.14 -7.14
N ILE A 199 21.50 -6.45 -6.51
CA ILE A 199 21.52 -7.31 -5.33
C ILE A 199 21.54 -8.74 -5.83
N GLU A 200 22.44 -9.55 -5.28
CA GLU A 200 22.50 -10.98 -5.61
C GLU A 200 22.19 -11.83 -4.37
N TYR A 201 21.42 -12.90 -4.53
CA TYR A 201 21.21 -13.87 -3.45
C TYR A 201 20.80 -15.25 -3.97
N SER A 202 20.91 -16.25 -3.11
CA SER A 202 20.60 -17.63 -3.44
C SER A 202 19.10 -17.91 -3.35
N PHE A 203 18.63 -18.73 -4.29
CA PHE A 203 17.34 -19.37 -4.20
C PHE A 203 17.62 -20.86 -4.32
N TYR A 204 17.26 -21.60 -3.29
CA TYR A 204 17.67 -22.98 -3.22
C TYR A 204 16.70 -23.86 -3.96
N SER A 205 15.43 -23.49 -3.97
CA SER A 205 14.43 -24.14 -4.79
C SER A 205 14.10 -25.56 -4.32
N ASP A 206 13.44 -26.32 -5.20
CA ASP A 206 13.09 -27.68 -4.87
C ASP A 206 14.30 -28.52 -4.63
N GLU A 207 14.11 -29.54 -3.82
CA GLU A 207 15.11 -30.54 -3.52
C GLU A 207 15.81 -31.06 -4.80
N SER A 208 15.06 -31.18 -5.90
CA SER A 208 15.61 -31.64 -7.19
C SER A 208 16.67 -30.72 -7.81
N LEU A 209 16.65 -29.42 -7.47
CA LEU A 209 17.65 -28.48 -7.99
C LEU A 209 19.02 -28.64 -7.30
N GLN A 210 19.93 -29.29 -8.00
CA GLN A 210 21.25 -29.66 -7.47
C GLN A 210 22.13 -28.43 -7.19
N TYR A 211 22.05 -27.42 -8.06
CA TYR A 211 22.81 -26.18 -7.83
C TYR A 211 21.88 -25.00 -7.50
N PRO A 212 22.15 -24.27 -6.42
CA PRO A 212 21.33 -23.11 -6.07
C PRO A 212 21.47 -22.01 -7.10
N LYS A 213 20.34 -21.37 -7.43
CA LYS A 213 20.28 -20.29 -8.41
C LYS A 213 20.72 -19.00 -7.75
N THR A 214 21.40 -18.13 -8.49
CA THR A 214 21.59 -16.77 -8.02
C THR A 214 20.57 -15.89 -8.71
N VAL A 215 19.72 -15.26 -7.91
CA VAL A 215 18.76 -14.28 -8.41
C VAL A 215 19.53 -12.99 -8.39
N ARG A 216 19.50 -12.26 -9.51
CA ARG A 216 20.11 -10.93 -9.53
C ARG A 216 19.01 -9.87 -9.79
N VAL A 217 19.05 -8.73 -9.10
CA VAL A 217 18.08 -7.66 -9.34
C VAL A 217 18.70 -6.30 -9.25
N PRO A 218 18.51 -5.48 -10.29
CA PRO A 218 18.85 -4.06 -10.20
C PRO A 218 18.08 -3.49 -9.01
N TYR A 219 18.80 -3.00 -8.02
CA TYR A 219 18.21 -2.49 -6.77
C TYR A 219 19.18 -1.43 -6.27
N PRO A 220 18.79 -0.17 -6.39
CA PRO A 220 19.64 0.95 -5.96
C PRO A 220 19.59 1.18 -4.46
N LYS A 221 20.64 0.83 -3.71
CA LYS A 221 20.68 1.06 -2.26
C LYS A 221 21.04 2.52 -2.01
N ALA A 222 20.88 3.01 -0.78
CA ALA A 222 21.02 4.45 -0.50
C ALA A 222 22.25 5.03 -1.20
N GLY A 223 22.10 6.17 -1.88
CA GLY A 223 23.23 6.87 -2.47
C GLY A 223 23.86 6.26 -3.74
N ALA A 224 23.36 5.11 -4.18
CA ALA A 224 23.84 4.45 -5.38
C ALA A 224 23.12 5.00 -6.62
N VAL A 225 23.55 4.59 -7.81
CA VAL A 225 22.96 5.05 -9.07
C VAL A 225 21.53 4.58 -9.26
N ASN A 226 20.61 5.54 -9.35
CA ASN A 226 19.18 5.31 -9.60
C ASN A 226 18.84 5.05 -11.07
N PRO A 227 17.67 4.47 -11.34
CA PRO A 227 17.17 4.37 -12.70
C PRO A 227 16.93 5.74 -13.31
N THR A 228 16.99 5.83 -14.64
CA THR A 228 16.61 7.06 -15.30
C THR A 228 15.26 6.80 -15.91
N VAL A 229 14.49 7.85 -16.12
CA VAL A 229 13.10 7.74 -16.62
C VAL A 229 12.87 8.65 -17.83
N LYS A 230 12.12 8.16 -18.80
CA LYS A 230 11.71 8.94 -19.96
C LYS A 230 10.25 8.63 -20.21
N PHE A 231 9.55 9.56 -20.86
CA PHE A 231 8.10 9.47 -21.01
C PHE A 231 7.56 9.69 -22.45
N PHE A 232 6.70 8.79 -22.93
CA PHE A 232 6.28 8.80 -24.33
C PHE A 232 4.76 8.67 -24.50
N VAL A 233 4.20 9.25 -25.56
CA VAL A 233 2.78 9.10 -25.85
C VAL A 233 2.60 8.69 -27.31
N VAL A 234 1.55 7.94 -27.60
CA VAL A 234 1.38 7.39 -28.94
C VAL A 234 -0.09 7.36 -29.39
N ASN A 235 -0.34 7.86 -30.60
CA ASN A 235 -1.69 7.89 -31.15
C ASN A 235 -2.03 6.52 -31.69
N THR A 236 -2.90 5.81 -30.97
CA THR A 236 -3.22 4.42 -31.31
C THR A 236 -4.17 4.30 -32.51
N ASP A 237 -4.65 5.46 -32.99
CA ASP A 237 -5.49 5.55 -34.19
C ASP A 237 -4.66 5.52 -35.48
N SER A 238 -3.55 6.25 -35.48
CA SER A 238 -2.62 6.28 -36.62
C SER A 238 -1.56 5.18 -36.56
N LEU A 239 -1.99 3.93 -36.45
CA LEU A 239 -1.07 2.81 -36.32
C LEU A 239 -0.93 1.95 -37.58
N SER A 240 0.26 1.99 -38.20
CA SER A 240 0.50 1.26 -39.44
C SER A 240 1.22 -0.08 -39.28
N SER A 241 0.81 -1.06 -40.09
CA SER A 241 1.46 -2.37 -40.16
C SER A 241 2.67 -2.39 -41.10
N VAL A 242 3.18 -1.20 -41.45
CA VAL A 242 4.35 -1.04 -42.31
C VAL A 242 5.33 -0.04 -41.70
N THR A 243 4.83 1.11 -41.26
CA THR A 243 5.62 2.02 -40.45
C THR A 243 5.65 1.52 -39.03
N ASN A 244 6.79 1.69 -38.38
CA ASN A 244 6.82 1.64 -36.91
C ASN A 244 5.98 2.81 -36.33
N ALA A 245 5.80 2.82 -35.01
CA ALA A 245 4.96 3.82 -34.37
C ALA A 245 5.81 4.98 -33.84
N THR A 246 5.33 6.21 -34.05
CA THR A 246 6.04 7.39 -33.54
C THR A 246 5.64 7.68 -32.09
N SER A 247 6.53 7.36 -31.15
CA SER A 247 6.29 7.73 -29.78
C SER A 247 6.67 9.20 -29.61
N ILE A 248 6.04 9.91 -28.69
CA ILE A 248 6.40 11.33 -28.50
C ILE A 248 6.93 11.63 -27.12
N GLN A 249 8.19 12.07 -27.04
CA GLN A 249 8.81 12.36 -25.75
C GLN A 249 8.26 13.62 -25.15
N ILE A 250 7.92 13.51 -23.87
CA ILE A 250 7.63 14.65 -23.02
C ILE A 250 8.81 14.67 -22.05
N THR A 251 9.67 15.66 -22.22
CA THR A 251 10.82 15.79 -21.32
C THR A 251 10.37 16.32 -19.99
N ALA A 252 11.08 15.98 -18.93
CA ALA A 252 10.78 16.58 -17.63
C ALA A 252 11.04 18.08 -17.77
N PRO A 253 10.52 18.89 -16.86
CA PRO A 253 10.82 20.33 -16.80
C PRO A 253 12.29 20.66 -16.55
N ALA A 254 12.69 21.84 -17.01
CA ALA A 254 14.05 22.36 -16.80
C ALA A 254 14.56 22.16 -15.37
N SER A 255 13.74 22.53 -14.39
CA SER A 255 14.09 22.41 -12.98
C SER A 255 14.11 20.96 -12.43
N MET A 256 13.84 19.98 -13.30
CA MET A 256 14.08 18.58 -12.98
C MET A 256 15.36 18.00 -13.62
N LEU A 257 15.70 18.44 -14.83
CA LEU A 257 16.78 17.78 -15.59
C LEU A 257 18.20 18.07 -15.10
N ILE A 258 18.34 19.09 -14.25
CA ILE A 258 19.66 19.50 -13.80
C ILE A 258 20.23 18.56 -12.73
N GLY A 259 19.41 17.60 -12.30
CA GLY A 259 19.84 16.56 -11.40
C GLY A 259 18.99 15.32 -11.58
N ASP A 260 19.25 14.34 -10.72
CA ASP A 260 18.48 13.10 -10.68
C ASP A 260 17.04 13.42 -10.32
N HIS A 261 16.11 12.78 -11.01
CA HIS A 261 14.70 12.99 -10.72
C HIS A 261 13.93 11.67 -10.70
N TYR A 262 12.67 11.72 -10.27
CA TYR A 262 11.73 10.61 -10.46
C TYR A 262 10.43 11.13 -11.05
N LEU A 263 9.85 10.31 -11.91
CA LEU A 263 8.48 10.50 -12.37
C LEU A 263 7.63 9.83 -11.34
N CYS A 264 6.75 10.58 -10.69
CA CYS A 264 6.01 10.06 -9.53
C CYS A 264 4.49 10.05 -9.66
N ASP A 265 3.92 10.75 -10.64
CA ASP A 265 2.49 10.62 -10.97
C ASP A 265 2.16 10.89 -12.43
N VAL A 266 1.25 10.12 -12.99
CA VAL A 266 0.74 10.38 -14.32
C VAL A 266 -0.77 10.41 -14.28
N THR A 267 -1.38 11.59 -14.40
CA THR A 267 -2.85 11.67 -14.51
C THR A 267 -3.31 12.42 -15.75
N TRP A 268 -4.15 11.76 -16.54
CA TRP A 268 -4.81 12.39 -17.68
C TRP A 268 -5.89 13.36 -17.22
N ALA A 269 -5.96 14.53 -17.86
CA ALA A 269 -6.93 15.52 -17.52
C ALA A 269 -8.16 15.41 -18.40
N THR A 270 -7.98 15.62 -19.70
CA THR A 270 -9.05 15.51 -20.69
C THR A 270 -8.46 14.79 -21.89
N GLN A 271 -9.25 14.61 -22.94
CA GLN A 271 -8.83 13.90 -24.16
C GLN A 271 -7.47 14.29 -24.69
N GLU A 272 -7.08 15.53 -24.41
CA GLU A 272 -5.89 16.14 -25.00
C GLU A 272 -5.11 16.93 -23.95
N ARG A 273 -5.04 16.37 -22.75
CA ARG A 273 -4.34 17.00 -21.65
C ARG A 273 -3.92 15.94 -20.66
N ILE A 274 -2.65 15.96 -20.29
CA ILE A 274 -2.08 15.01 -19.35
C ILE A 274 -1.20 15.77 -18.35
N SER A 275 -1.35 15.45 -17.07
CA SER A 275 -0.58 16.11 -16.04
C SER A 275 0.47 15.15 -15.55
N LEU A 276 1.68 15.68 -15.32
CA LEU A 276 2.80 14.86 -14.89
C LEU A 276 3.42 15.48 -13.67
N GLN A 277 3.81 14.63 -12.74
CA GLN A 277 4.51 15.11 -11.58
C GLN A 277 5.88 14.50 -11.51
N TRP A 278 6.82 15.32 -11.03
CA TRP A 278 8.21 14.93 -10.97
C TRP A 278 8.71 15.27 -9.59
N LEU A 279 9.72 14.54 -9.14
CA LEU A 279 10.31 14.75 -7.83
C LEU A 279 11.85 14.73 -7.92
N ARG A 280 12.50 15.75 -7.34
CA ARG A 280 13.96 15.78 -7.19
C ARG A 280 14.46 14.60 -6.34
N ARG A 281 15.65 14.10 -6.64
CA ARG A 281 16.25 13.00 -5.86
C ARG A 281 16.46 13.40 -4.39
N ILE A 282 16.48 14.71 -4.15
CA ILE A 282 16.23 15.31 -2.84
C ILE A 282 14.73 15.63 -2.83
N GLN A 283 13.96 14.75 -2.19
CA GLN A 283 12.48 14.74 -2.32
C GLN A 283 11.67 15.82 -1.59
N ASN A 284 12.23 17.02 -1.45
CA ASN A 284 11.48 18.16 -0.90
C ASN A 284 11.01 19.18 -1.94
N TYR A 285 11.06 18.81 -3.22
CA TYR A 285 10.67 19.70 -4.30
C TYR A 285 10.08 18.92 -5.45
N SER A 286 8.83 19.25 -5.80
CA SER A 286 8.04 18.52 -6.80
C SER A 286 7.45 19.51 -7.80
N VAL A 287 7.34 19.11 -9.06
CA VAL A 287 6.78 19.99 -10.10
C VAL A 287 5.77 19.26 -10.96
N MET A 288 4.58 19.84 -11.11
CA MET A 288 3.53 19.27 -11.96
C MET A 288 3.47 19.98 -13.30
N ASP A 289 3.21 19.22 -14.36
CA ASP A 289 3.33 19.75 -15.71
C ASP A 289 2.11 19.47 -16.56
N ILE A 290 1.41 20.53 -16.93
CA ILE A 290 0.26 20.39 -17.79
C ILE A 290 0.73 20.35 -19.23
N CYS A 291 0.55 19.19 -19.86
CA CYS A 291 0.98 18.98 -21.22
C CYS A 291 -0.20 18.81 -22.16
N ASP A 292 -0.39 19.85 -22.97
CA ASP A 292 -1.47 19.91 -23.94
C ASP A 292 -1.04 19.35 -25.28
N TYR A 293 -2.01 18.80 -25.99
CA TYR A 293 -1.78 18.24 -27.31
C TYR A 293 -1.89 19.34 -28.36
N ASP A 294 -1.03 19.28 -29.38
CA ASP A 294 -1.08 20.23 -30.51
C ASP A 294 -1.48 19.54 -31.82
N GLU A 295 -2.58 20.01 -32.40
CA GLU A 295 -3.06 19.54 -33.70
C GLU A 295 -1.94 19.64 -34.73
N SER A 296 -1.67 20.87 -35.17
CA SER A 296 -0.79 21.16 -36.30
C SER A 296 0.48 20.30 -36.34
N SER A 297 1.06 20.07 -35.16
CA SER A 297 2.38 19.44 -35.06
C SER A 297 2.35 17.90 -34.93
N GLY A 298 1.48 17.38 -34.05
CA GLY A 298 1.60 15.99 -33.61
C GLY A 298 2.68 15.85 -32.52
N ARG A 299 2.76 16.87 -31.66
CA ARG A 299 3.66 16.92 -30.50
C ARG A 299 2.90 17.38 -29.23
N TRP A 300 3.50 17.20 -28.06
CA TRP A 300 2.83 17.52 -26.80
C TRP A 300 3.59 18.62 -26.11
N ASN A 301 3.00 19.80 -25.92
CA ASN A 301 3.75 20.92 -25.32
C ASN A 301 3.38 21.16 -23.87
N CYS A 302 4.39 21.41 -23.04
CA CYS A 302 4.20 21.63 -21.61
C CYS A 302 4.58 23.04 -21.24
N LEU A 303 3.60 23.94 -21.21
CA LEU A 303 3.87 25.35 -21.01
C LEU A 303 4.39 25.66 -19.61
N VAL A 304 5.54 26.31 -19.56
CA VAL A 304 6.24 26.59 -18.30
C VAL A 304 5.38 27.36 -17.28
N ALA A 305 4.37 28.05 -17.78
CA ALA A 305 3.54 28.88 -16.92
C ALA A 305 2.59 28.02 -16.10
N ARG A 306 2.23 26.87 -16.65
CA ARG A 306 1.21 26.00 -16.09
C ARG A 306 1.72 25.09 -14.96
N GLN A 307 3.01 25.20 -14.66
CA GLN A 307 3.68 24.38 -13.65
C GLN A 307 3.25 24.78 -12.26
N HIS A 308 3.02 23.79 -11.40
CA HIS A 308 2.63 24.06 -10.01
C HIS A 308 3.63 23.46 -9.03
N ILE A 309 4.27 24.33 -8.27
CA ILE A 309 5.39 23.94 -7.42
C ILE A 309 4.97 23.58 -6.00
N GLU A 310 4.95 22.27 -5.73
CA GLU A 310 4.75 21.70 -4.38
C GLU A 310 6.10 21.38 -3.75
N MET A 311 6.35 21.97 -2.58
CA MET A 311 7.61 21.79 -1.85
C MET A 311 7.44 21.74 -0.32
N SER A 312 8.48 21.36 0.42
CA SER A 312 8.38 21.35 1.88
C SER A 312 9.63 21.85 2.59
N THR A 313 9.39 22.71 3.57
CA THR A 313 10.46 23.29 4.37
C THR A 313 10.85 22.46 5.58
N THR A 314 10.03 21.48 5.96
CA THR A 314 10.24 20.76 7.22
C THR A 314 10.46 19.28 7.06
N GLY A 315 10.31 18.78 5.84
CA GLY A 315 10.48 17.37 5.54
C GLY A 315 10.28 17.04 4.08
N TRP A 316 9.57 15.95 3.79
CA TRP A 316 9.50 15.42 2.43
C TRP A 316 8.14 15.72 1.80
N VAL A 317 8.08 15.70 0.47
CA VAL A 317 6.85 16.03 -0.23
C VAL A 317 5.94 14.82 -0.25
N GLY A 318 4.70 14.99 0.23
CA GLY A 318 3.70 13.97 0.13
C GLY A 318 3.70 13.09 1.36
N ARG A 319 2.70 12.23 1.47
CA ARG A 319 2.70 11.24 2.53
C ARG A 319 3.84 10.26 2.30
N PHE A 320 3.80 9.57 1.16
CA PHE A 320 4.92 8.77 0.65
C PHE A 320 5.38 9.31 -0.71
N ARG A 321 4.45 9.44 -1.66
CA ARG A 321 4.66 10.23 -2.87
C ARG A 321 3.72 11.44 -2.82
N PRO A 322 3.93 12.47 -3.67
CA PRO A 322 2.94 13.54 -3.85
C PRO A 322 1.57 13.06 -4.34
N SER A 323 0.54 13.67 -3.74
CA SER A 323 -0.89 13.44 -3.98
C SER A 323 -1.34 13.47 -5.44
N GLU A 324 -2.36 12.67 -5.73
CA GLU A 324 -2.99 12.69 -7.05
C GLU A 324 -3.85 13.95 -7.21
N PRO A 325 -3.81 14.52 -8.41
CA PRO A 325 -4.76 15.57 -8.76
C PRO A 325 -6.07 14.96 -9.31
N HIS A 326 -7.18 15.59 -8.96
CA HIS A 326 -8.51 15.21 -9.48
C HIS A 326 -9.16 16.33 -10.31
N PHE A 327 -9.31 16.07 -11.60
CA PHE A 327 -9.73 17.10 -12.57
C PHE A 327 -11.24 17.26 -12.74
N THR A 328 -11.69 18.52 -12.76
CA THR A 328 -13.05 18.87 -13.19
C THR A 328 -13.16 18.52 -14.66
N LEU A 329 -14.37 18.15 -15.08
CA LEU A 329 -14.60 17.51 -16.38
C LEU A 329 -13.98 18.27 -17.55
N ASP A 330 -14.15 19.60 -17.55
CA ASP A 330 -13.58 20.48 -18.59
C ASP A 330 -12.06 20.41 -18.67
N GLY A 331 -11.41 20.39 -17.52
CA GLY A 331 -10.00 20.09 -17.40
C GLY A 331 -9.17 21.26 -16.97
N ASN A 332 -9.83 22.37 -16.67
CA ASN A 332 -9.16 23.63 -16.38
C ASN A 332 -8.88 23.83 -14.89
N SER A 333 -9.36 22.91 -14.07
CA SER A 333 -9.07 22.96 -12.66
C SER A 333 -8.92 21.58 -12.06
N PHE A 334 -8.58 21.55 -10.77
CA PHE A 334 -8.52 20.31 -10.07
C PHE A 334 -8.28 20.54 -8.61
N TYR A 335 -8.64 19.50 -7.84
CA TYR A 335 -8.46 19.48 -6.40
C TYR A 335 -7.33 18.50 -6.14
N LYS A 336 -6.64 18.68 -5.02
CA LYS A 336 -5.43 17.94 -4.72
C LYS A 336 -5.05 18.10 -3.23
N ILE A 337 -4.90 16.99 -2.51
CA ILE A 337 -4.56 17.05 -1.09
C ILE A 337 -3.14 17.58 -0.90
N ILE A 338 -3.03 18.67 -0.14
CA ILE A 338 -1.77 19.37 0.02
C ILE A 338 -1.61 19.70 1.48
N SER A 339 -0.38 19.84 1.93
CA SER A 339 -0.12 20.18 3.32
C SER A 339 -0.24 21.68 3.47
N ASN A 340 -1.07 22.12 4.39
CA ASN A 340 -1.31 23.54 4.53
C ASN A 340 -0.23 24.23 5.37
N GLU A 341 -0.47 25.51 5.66
CA GLU A 341 0.45 26.39 6.42
C GLU A 341 0.74 25.93 7.84
N GLU A 342 -0.30 25.48 8.54
CA GLU A 342 -0.21 24.95 9.90
C GLU A 342 0.42 23.57 9.89
N GLY A 343 0.32 22.87 8.76
CA GLY A 343 0.93 21.58 8.60
C GLY A 343 -0.05 20.46 8.30
N TYR A 344 -1.34 20.70 8.33
CA TYR A 344 -2.27 19.61 8.11
C TYR A 344 -2.66 19.48 6.64
N ARG A 345 -2.80 18.23 6.19
CA ARG A 345 -3.11 17.95 4.79
C ARG A 345 -4.60 18.13 4.50
N HIS A 346 -4.91 18.88 3.46
CA HIS A 346 -6.31 19.23 3.16
C HIS A 346 -6.56 19.33 1.67
N ILE A 347 -7.79 19.63 1.29
CA ILE A 347 -8.11 19.73 -0.13
C ILE A 347 -7.86 21.15 -0.67
N CYS A 348 -7.14 21.23 -1.79
CA CYS A 348 -6.85 22.50 -2.42
C CYS A 348 -7.39 22.59 -3.82
N TYR A 349 -8.03 23.73 -4.13
CA TYR A 349 -8.60 23.95 -5.45
C TYR A 349 -7.59 24.61 -6.36
N PHE A 350 -7.19 23.92 -7.40
CA PHE A 350 -6.24 24.47 -8.35
C PHE A 350 -6.94 24.82 -9.66
N GLN A 351 -6.76 26.08 -10.09
CA GLN A 351 -7.14 26.53 -11.42
C GLN A 351 -5.89 26.57 -12.27
N ILE A 352 -5.99 25.90 -13.42
CA ILE A 352 -4.84 25.53 -14.21
C ILE A 352 -3.96 26.64 -14.77
N ASP A 353 -4.34 27.91 -14.61
CA ASP A 353 -3.46 28.97 -15.14
C ASP A 353 -2.91 29.95 -14.13
N LYS A 354 -3.46 29.93 -12.93
CA LYS A 354 -3.10 30.85 -11.84
C LYS A 354 -2.19 30.14 -10.84
N LYS A 355 -1.39 30.91 -10.12
CA LYS A 355 -0.46 30.34 -9.16
C LYS A 355 -1.13 29.82 -7.87
N ASP A 356 -1.84 30.69 -7.15
CA ASP A 356 -2.35 30.32 -5.82
C ASP A 356 -3.45 29.28 -5.88
N CYS A 357 -3.51 28.41 -4.87
CA CYS A 357 -4.69 27.58 -4.72
C CYS A 357 -5.48 28.04 -3.49
N THR A 358 -6.78 27.70 -3.48
CA THR A 358 -7.64 28.00 -2.34
C THR A 358 -7.92 26.74 -1.54
N PHE A 359 -7.79 26.86 -0.22
CA PHE A 359 -8.15 25.76 0.63
C PHE A 359 -9.65 25.72 0.86
N ILE A 360 -10.23 24.59 0.48
CA ILE A 360 -11.65 24.33 0.64
C ILE A 360 -12.00 23.51 1.91
N THR A 361 -10.99 23.11 2.69
CA THR A 361 -11.17 22.46 3.99
C THR A 361 -10.11 22.95 4.98
N LYS A 362 -10.31 22.72 6.28
CA LYS A 362 -9.29 23.06 7.28
C LYS A 362 -9.63 22.52 8.67
N GLY A 363 -8.66 22.58 9.58
CA GLY A 363 -8.82 22.19 10.98
C GLY A 363 -7.79 21.17 11.41
N THR A 364 -7.67 20.96 12.72
CA THR A 364 -6.66 20.04 13.24
C THR A 364 -7.03 18.53 13.05
N TRP A 365 -7.20 18.16 11.77
CA TRP A 365 -7.40 16.78 11.31
C TRP A 365 -6.86 16.77 9.85
N GLU A 366 -6.91 15.65 9.13
CA GLU A 366 -6.29 15.55 7.80
C GLU A 366 -7.22 14.87 6.82
N VAL A 367 -7.01 15.08 5.52
CA VAL A 367 -7.81 14.35 4.52
C VAL A 367 -7.08 13.10 4.04
N ILE A 368 -7.78 11.98 4.02
CA ILE A 368 -7.15 10.71 3.72
C ILE A 368 -7.07 10.49 2.20
N GLY A 369 -8.21 10.71 1.54
CA GLY A 369 -8.28 10.65 0.11
C GLY A 369 -9.42 11.50 -0.40
N ILE A 370 -9.33 11.85 -1.68
CA ILE A 370 -10.46 12.32 -2.46
C ILE A 370 -10.94 11.04 -3.13
N GLU A 371 -12.25 10.90 -3.31
CA GLU A 371 -12.85 9.66 -3.79
C GLU A 371 -13.80 9.83 -4.97
N ALA A 372 -14.49 10.96 -5.04
CA ALA A 372 -15.41 11.19 -6.14
C ALA A 372 -15.53 12.65 -6.46
N LEU A 373 -15.67 12.95 -7.75
CA LEU A 373 -15.96 14.30 -8.18
C LEU A 373 -17.16 14.35 -9.12
N THR A 374 -18.15 15.15 -8.75
CA THR A 374 -19.33 15.35 -9.60
C THR A 374 -19.36 16.82 -9.95
N SER A 375 -20.36 17.24 -10.73
CA SER A 375 -20.63 18.66 -10.89
C SER A 375 -20.73 19.37 -9.53
N ASP A 376 -21.53 18.79 -8.64
CA ASP A 376 -21.97 19.48 -7.44
C ASP A 376 -21.16 19.20 -6.19
N TYR A 377 -20.48 18.03 -6.15
CA TYR A 377 -19.83 17.58 -4.93
C TYR A 377 -18.45 16.96 -5.12
N LEU A 378 -17.61 17.15 -4.11
CA LEU A 378 -16.38 16.37 -3.96
C LEU A 378 -16.58 15.49 -2.74
N TYR A 379 -16.28 14.22 -2.91
CA TYR A 379 -16.44 13.22 -1.85
C TYR A 379 -15.08 12.86 -1.33
N TYR A 380 -14.91 12.89 -0.01
CA TYR A 380 -13.61 12.63 0.58
C TYR A 380 -13.70 11.79 1.87
N ILE A 381 -12.63 11.07 2.19
CA ILE A 381 -12.54 10.36 3.44
C ILE A 381 -11.62 11.19 4.33
N SER A 382 -11.97 11.30 5.61
CA SER A 382 -11.18 12.07 6.55
C SER A 382 -11.31 11.49 7.93
N ASN A 383 -10.43 11.88 8.84
CA ASN A 383 -10.56 11.49 10.22
C ASN A 383 -11.13 12.58 11.14
N GLU A 384 -11.97 13.46 10.60
CA GLU A 384 -12.44 14.63 11.36
C GLU A 384 -13.22 14.26 12.63
N TYR A 385 -14.20 13.36 12.48
CA TYR A 385 -15.14 12.98 13.55
C TYR A 385 -14.46 12.73 14.88
N LYS A 386 -15.08 13.24 15.95
CA LYS A 386 -14.67 12.92 17.33
C LYS A 386 -13.18 13.17 17.57
N GLY A 387 -12.55 13.92 16.66
CA GLY A 387 -11.14 14.29 16.77
C GLY A 387 -10.21 13.12 16.90
N MET A 388 -10.61 11.98 16.33
CA MET A 388 -9.93 10.70 16.46
C MET A 388 -9.13 10.38 15.21
N PRO A 389 -7.82 10.60 15.22
CA PRO A 389 -6.97 10.23 14.07
C PRO A 389 -7.18 8.77 13.62
N GLY A 390 -7.31 7.86 14.59
CA GLY A 390 -7.58 6.46 14.34
C GLY A 390 -8.78 6.13 13.47
N GLY A 391 -9.76 7.02 13.40
CA GLY A 391 -11.03 6.78 12.72
C GLY A 391 -11.14 7.28 11.27
N ARG A 392 -12.08 6.73 10.51
CA ARG A 392 -12.26 7.06 9.11
C ARG A 392 -13.72 7.18 8.73
N ASN A 393 -14.13 8.34 8.24
CA ASN A 393 -15.48 8.51 7.70
C ASN A 393 -15.51 9.06 6.31
N LEU A 394 -16.73 9.25 5.81
CA LEU A 394 -16.94 9.79 4.47
C LEU A 394 -17.77 11.06 4.53
N TYR A 395 -17.30 12.06 3.78
CA TYR A 395 -17.86 13.41 3.76
C TYR A 395 -18.12 13.83 2.32
N LYS A 396 -19.06 14.75 2.14
CA LYS A 396 -19.18 15.44 0.88
C LYS A 396 -19.13 16.95 1.08
N ILE A 397 -18.56 17.62 0.10
CA ILE A 397 -18.46 19.09 0.12
C ILE A 397 -19.12 19.73 -1.09
N GLN A 398 -19.97 20.70 -0.80
CA GLN A 398 -20.71 21.47 -1.79
C GLN A 398 -19.81 22.43 -2.54
N LEU A 399 -19.49 22.08 -3.79
CA LEU A 399 -18.68 22.92 -4.68
C LEU A 399 -19.14 24.40 -4.78
N SER A 400 -20.45 24.61 -4.61
CA SER A 400 -21.10 25.92 -4.61
C SER A 400 -20.92 26.68 -3.31
N ASP A 401 -20.55 25.96 -2.25
CA ASP A 401 -20.28 26.55 -0.94
C ASP A 401 -19.44 25.61 -0.08
N TYR A 402 -18.16 25.96 0.06
CA TYR A 402 -17.17 25.19 0.81
C TYR A 402 -17.47 25.09 2.31
N THR A 403 -18.52 25.76 2.74
CA THR A 403 -18.94 25.79 4.13
C THR A 403 -19.90 24.64 4.39
N LYS A 404 -20.67 24.28 3.38
CA LYS A 404 -21.70 23.25 3.55
C LYS A 404 -21.12 21.84 3.30
N VAL A 405 -20.79 21.16 4.41
CA VAL A 405 -20.25 19.80 4.37
C VAL A 405 -21.19 18.89 5.12
N THR A 406 -21.61 17.80 4.49
CA THR A 406 -22.35 16.77 5.24
C THR A 406 -21.50 15.55 5.51
N CYS A 407 -21.52 15.07 6.74
CA CYS A 407 -21.02 13.75 6.99
C CYS A 407 -22.03 12.71 6.48
N LEU A 408 -21.53 11.66 5.84
CA LEU A 408 -22.40 10.67 5.23
C LEU A 408 -22.31 9.28 5.87
N SER A 409 -21.38 9.11 6.80
CA SER A 409 -21.13 7.79 7.41
C SER A 409 -21.04 7.81 8.93
N CYS A 410 -20.78 8.99 9.52
CA CYS A 410 -20.61 9.14 10.96
C CYS A 410 -21.69 8.47 11.73
N GLU A 411 -22.92 8.88 11.43
CA GLU A 411 -24.06 8.56 12.26
C GLU A 411 -24.82 7.38 11.73
N LEU A 412 -24.18 6.59 10.88
CA LEU A 412 -24.86 5.47 10.24
C LEU A 412 -25.03 4.28 11.16
N ASN A 413 -24.01 3.95 11.95
CA ASN A 413 -24.11 2.81 12.85
C ASN A 413 -23.24 2.93 14.11
N PRO A 414 -23.09 4.16 14.61
CA PRO A 414 -22.00 4.59 15.51
C PRO A 414 -21.31 3.62 16.50
N GLU A 415 -21.99 2.65 17.12
CA GLU A 415 -21.29 1.77 18.08
C GLU A 415 -20.38 0.74 17.41
N ARG A 416 -20.72 0.40 16.16
CA ARG A 416 -20.07 -0.66 15.39
C ARG A 416 -19.10 -0.13 14.31
N CYS A 417 -19.39 1.06 13.78
CA CYS A 417 -18.72 1.55 12.58
C CYS A 417 -18.02 2.89 12.73
N GLN A 418 -16.70 2.87 12.94
CA GLN A 418 -15.91 4.10 13.03
C GLN A 418 -14.79 4.26 11.98
N TYR A 419 -14.75 3.38 10.99
CA TYR A 419 -13.65 3.26 10.03
C TYR A 419 -14.23 2.84 8.69
N TYR A 420 -14.46 3.83 7.81
CA TYR A 420 -15.10 3.59 6.51
C TYR A 420 -14.15 3.78 5.32
N SER A 421 -14.54 3.18 4.19
CA SER A 421 -13.85 3.28 2.90
C SER A 421 -14.91 3.01 1.83
N VAL A 422 -14.69 3.45 0.61
CA VAL A 422 -15.79 3.50 -0.34
C VAL A 422 -15.40 3.15 -1.75
N SER A 423 -16.35 2.62 -2.50
CA SER A 423 -16.22 2.41 -3.93
C SER A 423 -17.44 3.03 -4.64
N PHE A 424 -17.22 3.97 -5.58
CA PHE A 424 -18.31 4.67 -6.26
C PHE A 424 -18.56 4.06 -7.63
N SER A 425 -19.81 4.05 -8.09
CA SER A 425 -20.12 3.61 -9.44
C SER A 425 -19.58 4.59 -10.49
N LYS A 426 -19.54 4.15 -11.74
CA LYS A 426 -18.90 4.89 -12.85
C LYS A 426 -19.14 6.42 -12.90
N GLU A 427 -20.37 6.89 -12.71
CA GLU A 427 -20.59 8.34 -12.67
C GLU A 427 -21.03 8.82 -11.29
N ALA A 428 -20.82 7.98 -10.28
CA ALA A 428 -21.16 8.28 -8.89
C ALA A 428 -22.65 8.27 -8.54
N LYS A 429 -23.45 7.40 -9.16
CA LYS A 429 -24.86 7.34 -8.78
C LYS A 429 -25.07 6.59 -7.45
N TYR A 430 -24.20 5.63 -7.20
CA TYR A 430 -24.21 4.87 -5.96
C TYR A 430 -22.79 4.75 -5.39
N TYR A 431 -22.72 4.31 -4.14
CA TYR A 431 -21.47 4.01 -3.49
C TYR A 431 -21.67 2.97 -2.42
N GLN A 432 -20.92 1.88 -2.52
CA GLN A 432 -20.77 0.91 -1.45
C GLN A 432 -19.88 1.52 -0.39
N LEU A 433 -20.36 1.56 0.83
CA LEU A 433 -19.48 1.81 1.96
C LEU A 433 -19.01 0.45 2.46
N ARG A 434 -17.77 0.38 2.94
CA ARG A 434 -17.24 -0.79 3.62
C ARG A 434 -16.74 -0.31 4.95
N CYS A 435 -17.42 -0.68 6.01
CA CYS A 435 -16.90 -0.41 7.34
C CYS A 435 -16.10 -1.61 7.77
N SER A 436 -15.02 -1.38 8.52
CA SER A 436 -14.16 -2.50 8.93
C SER A 436 -13.66 -2.46 10.39
N GLY A 437 -14.39 -1.72 11.23
CA GLY A 437 -14.19 -1.70 12.68
C GLY A 437 -14.99 -0.57 13.34
N PRO A 438 -15.15 -0.53 14.68
CA PRO A 438 -14.65 -1.55 15.63
C PRO A 438 -15.48 -2.81 15.70
N GLY A 439 -16.72 -2.78 15.20
CA GLY A 439 -17.54 -3.98 15.15
C GLY A 439 -17.12 -4.92 14.01
N LEU A 440 -17.90 -5.97 13.79
CA LEU A 440 -17.64 -6.85 12.67
C LEU A 440 -17.91 -6.07 11.42
N PRO A 441 -17.00 -6.14 10.47
CA PRO A 441 -17.17 -5.57 9.13
C PRO A 441 -18.59 -5.54 8.58
N LEU A 442 -19.00 -4.37 8.10
CA LEU A 442 -20.31 -4.12 7.47
C LEU A 442 -20.16 -3.52 6.05
N TYR A 443 -20.99 -4.00 5.11
CA TYR A 443 -20.98 -3.56 3.71
C TYR A 443 -22.40 -3.12 3.26
N THR A 444 -22.55 -1.86 2.86
CA THR A 444 -23.85 -1.33 2.48
C THR A 444 -23.80 -0.52 1.19
N LEU A 445 -24.85 -0.61 0.39
CA LEU A 445 -24.95 0.11 -0.86
C LEU A 445 -25.75 1.36 -0.63
N HIS A 446 -25.40 2.46 -1.31
CA HIS A 446 -26.10 3.76 -1.19
C HIS A 446 -26.41 4.42 -2.53
N SER A 447 -27.30 5.41 -2.52
CA SER A 447 -27.58 6.20 -3.73
C SER A 447 -27.14 7.62 -3.52
N SER A 448 -26.26 8.10 -4.40
CA SER A 448 -25.69 9.44 -4.29
C SER A 448 -26.77 10.50 -4.20
N VAL A 449 -27.80 10.34 -5.04
CA VAL A 449 -28.80 11.38 -5.24
C VAL A 449 -29.34 11.95 -3.94
N ASN A 450 -29.76 11.07 -3.02
CA ASN A 450 -30.34 11.54 -1.79
C ASN A 450 -29.67 11.04 -0.52
N ASP A 451 -28.61 10.26 -0.71
CA ASP A 451 -27.88 9.65 0.40
C ASP A 451 -28.76 8.64 1.16
N LYS A 452 -29.75 8.09 0.47
CA LYS A 452 -30.51 6.95 0.97
C LYS A 452 -29.62 5.71 1.00
N GLY A 453 -29.70 4.95 2.10
CA GLY A 453 -29.13 3.61 2.15
C GLY A 453 -30.14 2.71 1.48
N LEU A 454 -29.68 1.78 0.65
CA LEU A 454 -30.60 0.90 -0.08
C LEU A 454 -30.76 -0.39 0.69
N ARG A 455 -29.68 -1.16 0.78
CA ARG A 455 -29.72 -2.42 1.48
C ARG A 455 -28.37 -2.69 2.07
N VAL A 456 -28.33 -3.57 3.06
CA VAL A 456 -27.10 -4.06 3.66
C VAL A 456 -26.64 -5.21 2.78
N LEU A 457 -25.36 -5.28 2.49
CA LEU A 457 -24.83 -6.27 1.53
C LEU A 457 -24.22 -7.49 2.19
N GLU A 458 -23.59 -7.28 3.34
CA GLU A 458 -22.99 -8.35 4.14
C GLU A 458 -22.78 -7.83 5.57
N ASP A 459 -23.27 -8.56 6.55
CA ASP A 459 -23.12 -8.09 7.92
C ASP A 459 -22.32 -9.00 8.84
N ASN A 460 -21.91 -10.15 8.34
CA ASN A 460 -21.19 -11.11 9.17
C ASN A 460 -22.05 -11.53 10.35
N SER A 461 -23.30 -11.88 10.07
CA SER A 461 -24.15 -12.35 11.13
C SER A 461 -23.78 -13.79 11.46
N ALA A 462 -23.37 -14.54 10.43
CA ALA A 462 -22.90 -15.93 10.65
C ALA A 462 -21.65 -15.98 11.52
N LEU A 463 -20.73 -15.05 11.26
CA LEU A 463 -19.52 -14.93 12.07
C LEU A 463 -19.86 -14.41 13.45
N ASP A 464 -20.90 -13.59 13.56
CA ASP A 464 -21.23 -13.00 14.84
C ASP A 464 -21.75 -14.05 15.80
N LYS A 465 -22.58 -14.96 15.29
CA LYS A 465 -23.10 -16.03 16.11
C LYS A 465 -21.93 -16.75 16.72
N MET A 466 -21.06 -17.28 15.86
CA MET A 466 -19.91 -18.08 16.25
C MET A 466 -19.07 -17.43 17.32
N LEU A 467 -18.78 -16.15 17.14
CA LEU A 467 -17.87 -15.47 18.06
C LEU A 467 -18.43 -15.38 19.47
N GLN A 468 -19.76 -15.34 19.60
CA GLN A 468 -20.39 -15.39 20.92
C GLN A 468 -19.99 -16.61 21.73
N ASN A 469 -19.74 -17.71 21.02
CA ASN A 469 -19.23 -18.92 21.66
C ASN A 469 -17.79 -18.81 22.19
N VAL A 470 -17.14 -17.67 21.95
CA VAL A 470 -15.70 -17.51 22.17
C VAL A 470 -15.35 -16.36 23.09
N GLN A 471 -14.42 -16.60 24.00
CA GLN A 471 -13.95 -15.60 24.95
C GLN A 471 -13.08 -14.53 24.26
N MET A 472 -13.72 -13.80 23.35
CA MET A 472 -13.11 -12.69 22.60
C MET A 472 -12.60 -11.53 23.45
N PRO A 473 -11.44 -10.99 23.07
CA PRO A 473 -10.88 -9.85 23.78
C PRO A 473 -11.53 -8.59 23.24
N SER A 474 -11.35 -7.48 23.95
CA SER A 474 -11.81 -6.17 23.50
C SER A 474 -10.63 -5.24 23.19
N LYS A 475 -10.93 -4.12 22.56
CA LYS A 475 -9.88 -3.16 22.22
C LYS A 475 -10.16 -1.80 22.86
N LYS A 476 -9.19 -1.27 23.59
CA LYS A 476 -9.32 0.05 24.15
C LYS A 476 -8.52 1.00 23.27
N LEU A 477 -9.19 2.02 22.74
CA LEU A 477 -8.49 3.05 21.99
C LEU A 477 -8.49 4.32 22.82
N ASP A 478 -7.31 4.86 23.05
CA ASP A 478 -7.16 6.00 23.93
C ASP A 478 -5.86 6.71 23.61
N PHE A 479 -5.57 7.80 24.32
CA PHE A 479 -4.39 8.57 24.08
C PHE A 479 -3.68 8.87 25.37
N ILE A 480 -2.39 9.16 25.28
CA ILE A 480 -1.66 9.69 26.42
C ILE A 480 -0.89 10.96 26.06
N ILE A 481 -0.81 11.91 27.00
CA ILE A 481 -0.22 13.22 26.70
C ILE A 481 1.26 13.31 27.11
N LEU A 482 2.14 13.51 26.13
CA LEU A 482 3.57 13.78 26.37
C LEU A 482 3.90 15.15 25.80
N ASN A 483 4.85 15.86 26.41
CA ASN A 483 5.25 17.20 25.95
C ASN A 483 4.08 18.06 25.41
N GLU A 484 2.95 18.05 26.13
CA GLU A 484 1.76 18.83 25.75
C GLU A 484 1.07 18.41 24.45
N THR A 485 1.54 17.34 23.82
CA THR A 485 0.90 16.78 22.63
C THR A 485 0.19 15.46 22.93
N LYS A 486 -0.85 15.17 22.15
CA LYS A 486 -1.66 13.97 22.28
C LYS A 486 -1.09 12.89 21.37
N PHE A 487 -0.64 11.76 21.93
CA PHE A 487 -0.29 10.59 21.13
C PHE A 487 -1.22 9.41 21.44
N TRP A 488 -1.66 8.70 20.40
CA TRP A 488 -2.66 7.63 20.55
C TRP A 488 -2.08 6.23 20.65
N TYR A 489 -2.76 5.36 21.40
CA TYR A 489 -2.40 3.95 21.51
C TYR A 489 -3.61 3.03 21.52
N GLN A 490 -3.39 1.74 21.32
CA GLN A 490 -4.46 0.76 21.44
C GLN A 490 -3.97 -0.41 22.26
N MET A 491 -4.86 -0.99 23.05
CA MET A 491 -4.55 -2.21 23.77
C MET A 491 -5.56 -3.27 23.43
N ILE A 492 -5.12 -4.45 23.02
CA ILE A 492 -6.03 -5.60 22.95
C ILE A 492 -6.01 -6.30 24.28
N LEU A 493 -7.10 -6.16 25.03
CA LEU A 493 -7.14 -6.65 26.41
C LEU A 493 -7.77 -8.00 26.42
N PRO A 494 -7.27 -8.90 27.28
CA PRO A 494 -7.82 -10.24 27.39
C PRO A 494 -9.25 -10.21 27.96
N PRO A 495 -10.04 -11.26 27.75
CA PRO A 495 -11.44 -11.25 28.20
C PRO A 495 -11.51 -11.32 29.72
N HIS A 496 -12.60 -10.81 30.29
CA HIS A 496 -12.75 -10.76 31.75
C HIS A 496 -11.61 -9.97 32.39
N PHE A 497 -11.29 -8.85 31.75
CA PHE A 497 -10.21 -8.01 32.20
C PHE A 497 -10.44 -7.58 33.64
N ASP A 498 -9.49 -7.92 34.50
CA ASP A 498 -9.50 -7.43 35.88
C ASP A 498 -8.40 -6.39 36.06
N LYS A 499 -8.80 -5.13 36.19
CA LYS A 499 -7.84 -4.03 36.17
C LYS A 499 -6.97 -3.95 37.44
N SER A 500 -7.08 -4.93 38.32
CA SER A 500 -6.29 -4.96 39.57
C SER A 500 -5.33 -6.16 39.65
N LYS A 501 -5.36 -6.97 38.58
CA LYS A 501 -4.37 -8.01 38.32
C LYS A 501 -3.32 -7.42 37.38
N LYS A 502 -2.07 -7.85 37.54
CA LYS A 502 -0.97 -7.38 36.71
C LYS A 502 -0.71 -8.35 35.54
N TYR A 503 -0.86 -7.85 34.32
CA TYR A 503 -0.74 -8.69 33.12
C TYR A 503 0.59 -8.46 32.43
N PRO A 504 1.13 -9.50 31.81
CA PRO A 504 2.28 -9.37 30.91
C PRO A 504 1.89 -8.66 29.61
N LEU A 505 2.80 -7.88 29.02
CA LEU A 505 2.45 -7.01 27.91
C LEU A 505 3.36 -7.13 26.70
N LEU A 506 2.76 -7.30 25.53
CA LEU A 506 3.51 -7.31 24.29
C LEU A 506 3.26 -6.01 23.56
N LEU A 507 4.32 -5.24 23.33
CA LEU A 507 4.22 -4.02 22.53
C LEU A 507 4.48 -4.25 21.03
N ASP A 508 3.41 -4.26 20.24
CA ASP A 508 3.45 -4.49 18.78
C ASP A 508 3.90 -3.20 18.14
N VAL A 509 4.76 -3.29 17.15
CA VAL A 509 5.32 -2.07 16.59
C VAL A 509 5.57 -2.11 15.08
N TYR A 510 5.44 -0.94 14.47
CA TYR A 510 5.92 -0.73 13.14
C TYR A 510 6.69 0.58 13.18
N ALA A 511 5.93 1.67 13.37
CA ALA A 511 6.46 2.99 13.62
C ALA A 511 7.34 3.59 12.50
N GLY A 512 7.20 3.06 11.28
CA GLY A 512 7.78 3.70 10.11
C GLY A 512 7.12 5.03 9.86
N PRO A 513 7.76 5.97 9.16
CA PRO A 513 7.22 7.31 8.98
C PRO A 513 5.81 7.29 8.41
N CYS A 514 4.89 7.92 9.10
CA CYS A 514 3.53 8.07 8.61
C CYS A 514 2.72 6.77 8.68
N SER A 515 2.99 5.93 9.66
CA SER A 515 2.22 4.72 9.79
C SER A 515 1.20 4.94 10.88
N GLN A 516 0.30 3.98 11.04
CA GLN A 516 -0.73 4.07 12.05
C GLN A 516 -1.04 2.70 12.60
N LYS A 517 -0.58 2.44 13.82
CA LYS A 517 -0.89 1.14 14.45
C LYS A 517 -2.01 1.18 15.48
N ALA A 518 -2.44 2.39 15.87
CA ALA A 518 -3.52 2.56 16.84
C ALA A 518 -4.76 3.10 16.13
N ASP A 519 -5.63 2.17 15.71
CA ASP A 519 -6.79 2.49 14.91
C ASP A 519 -8.05 1.77 15.40
N THR A 520 -9.20 2.07 14.79
CA THR A 520 -10.49 1.48 15.18
C THR A 520 -10.91 0.19 14.40
N VAL A 521 -10.01 -0.38 13.61
CA VAL A 521 -10.26 -1.54 12.75
C VAL A 521 -10.34 -2.84 13.56
N PHE A 522 -11.24 -3.73 13.15
CA PHE A 522 -11.41 -5.01 13.84
C PHE A 522 -10.58 -6.04 13.12
N ARG A 523 -9.59 -6.60 13.82
CA ARG A 523 -8.71 -7.60 13.22
C ARG A 523 -8.84 -8.91 14.00
N LEU A 524 -8.66 -10.02 13.31
CA LEU A 524 -8.57 -11.33 13.93
C LEU A 524 -7.22 -11.90 13.55
N ASN A 525 -6.28 -11.82 14.48
CA ASN A 525 -4.87 -12.12 14.17
C ASN A 525 -4.10 -12.66 15.38
N TRP A 526 -2.80 -12.83 15.22
CA TRP A 526 -1.94 -13.30 16.30
C TRP A 526 -2.21 -12.62 17.64
N ALA A 527 -2.47 -11.30 17.61
CA ALA A 527 -2.68 -10.57 18.86
C ALA A 527 -3.88 -11.14 19.61
N THR A 528 -4.97 -11.38 18.89
CA THR A 528 -6.17 -11.94 19.48
C THR A 528 -5.85 -13.18 20.33
N TYR A 529 -5.14 -14.11 19.72
CA TYR A 529 -4.79 -15.36 20.37
C TYR A 529 -4.00 -15.09 21.67
N LEU A 530 -3.02 -14.19 21.61
CA LEU A 530 -2.23 -13.81 22.76
C LEU A 530 -3.08 -13.07 23.79
N ALA A 531 -4.24 -12.59 23.35
CA ALA A 531 -5.14 -11.97 24.30
C ALA A 531 -6.15 -13.02 24.79
N SER A 532 -6.87 -13.66 23.85
CA SER A 532 -7.84 -14.69 24.22
C SER A 532 -7.20 -15.82 25.08
N THR A 533 -6.24 -16.55 24.50
CA THR A 533 -5.66 -17.72 25.14
C THR A 533 -4.57 -17.45 26.18
N GLU A 534 -3.57 -16.62 25.87
CA GLU A 534 -2.44 -16.46 26.81
C GLU A 534 -2.53 -15.31 27.85
N ASN A 535 -3.56 -14.47 27.74
CA ASN A 535 -3.77 -13.31 28.60
C ASN A 535 -2.57 -12.38 28.65
N ILE A 536 -2.25 -11.86 27.48
CA ILE A 536 -1.18 -10.87 27.30
C ILE A 536 -1.81 -9.62 26.75
N ILE A 537 -1.47 -8.48 27.32
CA ILE A 537 -1.90 -7.23 26.71
C ILE A 537 -0.99 -6.99 25.48
N VAL A 538 -1.60 -6.91 24.31
CA VAL A 538 -0.86 -6.49 23.14
C VAL A 538 -1.26 -5.08 22.78
N ALA A 539 -0.35 -4.15 23.04
CA ALA A 539 -0.62 -2.74 22.80
C ALA A 539 0.25 -2.20 21.68
N SER A 540 -0.33 -1.35 20.83
CA SER A 540 0.43 -0.60 19.82
C SER A 540 0.34 0.90 20.10
N PHE A 541 1.30 1.66 19.59
CA PHE A 541 1.42 3.09 19.91
C PHE A 541 2.00 3.90 18.76
N ASP A 542 1.31 4.98 18.40
CA ASP A 542 1.75 5.87 17.32
C ASP A 542 2.45 7.10 17.89
N GLY A 543 3.77 7.15 17.82
CA GLY A 543 4.53 8.27 18.37
C GLY A 543 4.97 9.27 17.33
N ARG A 544 6.07 9.98 17.57
CA ARG A 544 6.53 10.94 16.56
C ARG A 544 6.84 10.20 15.26
N GLY A 545 6.86 10.93 14.15
CA GLY A 545 6.94 10.29 12.86
C GLY A 545 5.65 9.64 12.41
N SER A 546 4.65 9.49 13.26
CA SER A 546 3.47 8.73 12.84
C SER A 546 2.47 9.53 11.98
N GLY A 547 1.57 8.83 11.31
CA GLY A 547 0.75 9.48 10.30
C GLY A 547 -0.62 10.04 10.70
N TYR A 548 -1.11 10.94 9.85
CA TYR A 548 -2.49 11.42 9.91
C TYR A 548 -2.80 12.48 10.98
N GLN A 549 -1.76 13.02 11.59
CA GLN A 549 -1.94 14.02 12.64
C GLN A 549 -1.12 15.30 12.39
N GLY A 550 -0.97 15.68 11.12
CA GLY A 550 -0.26 16.89 10.74
C GLY A 550 1.23 16.68 10.56
N ASP A 551 1.87 17.66 9.94
CA ASP A 551 3.30 17.53 9.65
C ASP A 551 4.19 17.70 10.88
N LYS A 552 3.69 18.40 11.89
CA LYS A 552 4.47 18.66 13.09
C LYS A 552 4.86 17.35 13.78
N ILE A 553 4.01 16.34 13.65
CA ILE A 553 4.27 15.02 14.21
C ILE A 553 5.05 14.13 13.24
N MET A 554 4.52 13.98 12.03
CA MET A 554 5.12 13.12 11.00
C MET A 554 6.56 13.54 10.67
N HIS A 555 6.82 14.85 10.55
CA HIS A 555 8.15 15.33 10.18
C HIS A 555 9.14 15.47 11.35
N ALA A 556 8.72 15.07 12.56
CA ALA A 556 9.61 15.09 13.71
C ALA A 556 10.80 14.18 13.52
N ILE A 557 10.64 13.12 12.73
CA ILE A 557 11.73 12.18 12.51
C ILE A 557 12.63 12.53 11.34
N ASN A 558 12.35 13.62 10.64
CA ASN A 558 13.14 14.00 9.47
C ASN A 558 14.66 13.90 9.67
N ARG A 559 15.30 13.21 8.71
CA ARG A 559 16.72 12.85 8.73
C ARG A 559 17.21 12.24 10.05
N ARG A 560 16.27 11.92 10.95
CA ARG A 560 16.63 11.35 12.24
C ARG A 560 15.97 10.00 12.44
N LEU A 561 15.84 9.22 11.36
CA LEU A 561 15.27 7.87 11.47
C LEU A 561 16.01 7.11 12.54
N GLY A 562 15.29 6.24 13.24
CA GLY A 562 15.83 5.50 14.37
C GLY A 562 16.19 6.38 15.56
N THR A 563 15.41 7.41 15.85
CA THR A 563 15.59 8.20 17.07
C THR A 563 14.33 8.43 17.88
N PHE A 564 13.50 9.39 17.47
CA PHE A 564 12.32 9.69 18.26
C PHE A 564 11.32 8.55 18.22
N GLU A 565 11.10 7.96 17.05
CA GLU A 565 10.16 6.86 16.95
C GLU A 565 10.53 5.68 17.87
N VAL A 566 11.83 5.50 18.07
CA VAL A 566 12.36 4.51 19.00
C VAL A 566 12.14 5.01 20.44
N GLU A 567 12.77 6.12 20.79
CA GLU A 567 12.63 6.75 22.11
C GLU A 567 11.21 6.73 22.61
N ASP A 568 10.27 6.97 21.69
CA ASP A 568 8.87 7.13 22.04
C ASP A 568 8.28 5.78 22.45
N GLN A 569 8.56 4.73 21.68
CA GLN A 569 8.08 3.39 22.07
C GLN A 569 8.52 3.03 23.47
N ILE A 570 9.72 3.45 23.85
CA ILE A 570 10.23 3.24 25.21
C ILE A 570 9.38 3.98 26.23
N GLU A 571 9.12 5.27 26.01
CA GLU A 571 8.30 6.02 26.95
C GLU A 571 6.86 5.50 26.95
N ALA A 572 6.40 4.99 25.81
CA ALA A 572 5.08 4.36 25.75
C ALA A 572 5.00 3.15 26.70
N ALA A 573 6.02 2.31 26.65
CA ALA A 573 6.13 1.17 27.54
C ALA A 573 6.20 1.61 29.01
N ARG A 574 6.91 2.68 29.28
CA ARG A 574 6.97 3.25 30.62
C ARG A 574 5.57 3.58 31.13
N GLN A 575 4.82 4.37 30.39
CA GLN A 575 3.52 4.80 30.87
C GLN A 575 2.54 3.65 31.06
N PHE A 576 2.85 2.54 30.39
CA PHE A 576 2.00 1.36 30.48
C PHE A 576 2.15 0.62 31.81
N SER A 577 3.36 0.57 32.38
CA SER A 577 3.51 0.06 33.75
C SER A 577 3.00 1.06 34.81
N LYS A 578 3.03 2.35 34.47
CA LYS A 578 2.49 3.36 35.38
C LYS A 578 1.00 3.15 35.60
N MET A 579 0.32 2.58 34.59
CA MET A 579 -1.13 2.38 34.63
C MET A 579 -1.65 1.35 35.66
N GLY A 580 -0.76 0.48 36.15
CA GLY A 580 -1.09 -0.39 37.27
C GLY A 580 -1.59 -1.81 36.98
N PHE A 581 -2.02 -2.07 35.75
CA PHE A 581 -2.36 -3.45 35.38
C PHE A 581 -1.27 -4.13 34.52
N VAL A 582 -0.05 -3.59 34.55
CA VAL A 582 1.00 -4.15 33.72
C VAL A 582 2.11 -4.72 34.57
N ASP A 583 2.45 -5.97 34.31
CA ASP A 583 3.59 -6.61 34.96
C ASP A 583 4.92 -6.10 34.39
N ASN A 584 5.58 -5.22 35.13
CA ASN A 584 6.83 -4.58 34.66
C ASN A 584 8.04 -5.48 34.77
N LYS A 585 7.80 -6.77 34.91
CA LYS A 585 8.87 -7.74 34.81
C LYS A 585 8.73 -8.53 33.51
N ARG A 586 7.55 -8.43 32.88
CA ARG A 586 7.22 -9.16 31.69
C ARG A 586 6.69 -8.26 30.57
N ILE A 587 7.46 -7.21 30.24
CA ILE A 587 7.17 -6.44 29.03
C ILE A 587 8.04 -6.88 27.86
N ALA A 588 7.42 -7.34 26.77
CA ALA A 588 8.14 -7.67 25.54
C ALA A 588 7.86 -6.67 24.39
N ILE A 589 8.45 -6.90 23.22
CA ILE A 589 8.27 -6.01 22.05
C ILE A 589 8.60 -6.72 20.76
N TRP A 590 7.81 -6.48 19.72
CA TRP A 590 8.09 -7.14 18.46
C TRP A 590 7.55 -6.35 17.28
N GLY A 591 8.21 -6.53 16.15
CA GLY A 591 7.66 -6.03 14.90
C GLY A 591 8.24 -6.69 13.68
N TRP A 592 7.58 -6.46 12.56
CA TRP A 592 8.04 -6.92 11.25
C TRP A 592 8.64 -5.75 10.51
N SER A 593 9.55 -6.01 9.58
CA SER A 593 10.00 -4.98 8.62
C SER A 593 10.52 -3.76 9.37
N TYR A 594 10.10 -2.55 9.00
CA TYR A 594 10.46 -1.38 9.78
C TYR A 594 10.29 -1.66 11.26
N GLY A 595 9.19 -2.33 11.61
CA GLY A 595 8.89 -2.64 12.98
C GLY A 595 9.98 -3.47 13.63
N GLY A 596 10.59 -4.33 12.83
CA GLY A 596 11.68 -5.15 13.29
C GLY A 596 12.92 -4.31 13.52
N TYR A 597 13.00 -3.16 12.86
CA TYR A 597 14.16 -2.29 13.00
C TYR A 597 14.02 -1.52 14.27
N VAL A 598 12.82 -1.04 14.54
CA VAL A 598 12.57 -0.31 15.79
C VAL A 598 12.71 -1.29 16.97
N THR A 599 12.12 -2.47 16.83
CA THR A 599 12.26 -3.55 17.80
C THR A 599 13.73 -3.75 18.23
N SER A 600 14.59 -3.96 17.25
CA SER A 600 16.01 -4.16 17.54
C SER A 600 16.67 -2.91 18.18
N MET A 601 16.42 -1.72 17.65
CA MET A 601 16.97 -0.51 18.23
C MET A 601 16.56 -0.39 19.69
N VAL A 602 15.34 -0.82 19.99
CA VAL A 602 14.84 -0.70 21.36
C VAL A 602 15.55 -1.69 22.27
N LEU A 603 15.62 -2.96 21.85
CA LEU A 603 16.30 -3.94 22.69
C LEU A 603 17.75 -3.51 22.88
N GLY A 604 18.32 -2.93 21.83
CA GLY A 604 19.69 -2.43 21.85
C GLY A 604 19.95 -1.11 22.55
N SER A 605 18.94 -0.54 23.21
CA SER A 605 19.06 0.74 23.90
C SER A 605 19.55 0.69 25.35
N GLY A 606 19.61 -0.51 25.94
CA GLY A 606 19.95 -0.63 27.35
C GLY A 606 19.03 0.13 28.29
N SER A 607 17.73 0.05 28.05
CA SER A 607 16.77 0.79 28.85
C SER A 607 16.15 -0.04 30.00
N GLY A 608 16.63 -1.27 30.18
CA GLY A 608 16.14 -2.17 31.21
C GLY A 608 14.62 -2.34 31.27
N VAL A 609 13.92 -1.81 30.27
CA VAL A 609 12.44 -1.81 30.31
C VAL A 609 11.85 -3.09 29.72
N PHE A 610 12.54 -3.68 28.73
CA PHE A 610 12.04 -4.87 28.00
C PHE A 610 12.81 -6.12 28.36
N LYS A 611 12.09 -7.20 28.64
CA LYS A 611 12.68 -8.49 28.96
C LYS A 611 13.14 -9.24 27.71
N CYS A 612 12.31 -9.20 26.67
CA CYS A 612 12.60 -9.84 25.39
C CYS A 612 11.96 -9.19 24.16
N GLY A 613 12.56 -9.42 23.00
CA GLY A 613 11.98 -9.00 21.74
C GLY A 613 12.11 -9.95 20.56
N ILE A 614 11.19 -9.81 19.61
CA ILE A 614 11.28 -10.46 18.29
C ILE A 614 11.33 -9.43 17.16
N ALA A 615 12.25 -9.63 16.21
CA ALA A 615 12.39 -8.78 15.02
C ALA A 615 12.28 -9.62 13.78
N VAL A 616 11.26 -9.38 12.98
CA VAL A 616 11.14 -10.10 11.72
C VAL A 616 11.55 -9.24 10.52
N ALA A 617 12.44 -9.77 9.68
CA ALA A 617 12.91 -9.07 8.48
C ALA A 617 13.39 -7.63 8.72
N PRO A 618 14.20 -7.40 9.77
CA PRO A 618 14.46 -6.03 10.21
C PRO A 618 15.35 -5.29 9.24
N VAL A 619 15.09 -4.02 8.99
CA VAL A 619 16.14 -3.13 8.47
C VAL A 619 17.19 -3.08 9.57
N SER A 620 18.46 -3.08 9.20
CA SER A 620 19.53 -3.09 10.19
C SER A 620 20.45 -1.87 10.13
N ARG A 621 20.43 -1.19 8.99
CA ARG A 621 21.33 -0.08 8.68
C ARG A 621 20.78 0.55 7.42
N TRP A 622 20.55 1.86 7.45
CA TRP A 622 19.85 2.47 6.34
C TRP A 622 20.54 2.39 5.01
N GLU A 623 21.87 2.37 4.99
CA GLU A 623 22.56 2.18 3.71
C GLU A 623 22.35 0.79 3.08
N TYR A 624 21.58 -0.08 3.70
CA TYR A 624 21.31 -1.38 3.07
C TYR A 624 19.98 -1.43 2.31
N TYR A 625 19.10 -0.47 2.55
CA TYR A 625 17.76 -0.45 1.93
C TYR A 625 17.70 0.40 0.66
N ASP A 626 16.56 0.37 -0.04
CA ASP A 626 16.49 1.09 -1.30
C ASP A 626 16.57 2.61 -1.15
N SER A 627 17.07 3.24 -2.20
CA SER A 627 17.43 4.65 -2.21
C SER A 627 16.22 5.55 -2.07
N VAL A 628 15.21 5.28 -2.90
CA VAL A 628 14.04 6.16 -3.01
C VAL A 628 13.41 6.35 -1.64
N TYR A 629 13.10 5.24 -0.97
CA TYR A 629 12.53 5.29 0.36
C TYR A 629 13.49 5.84 1.38
N THR A 630 14.69 5.25 1.46
CA THR A 630 15.68 5.63 2.48
C THR A 630 16.00 7.11 2.45
N GLU A 631 16.23 7.64 1.24
CA GLU A 631 16.69 9.02 1.09
C GLU A 631 15.59 10.00 1.38
N ARG A 632 14.37 9.67 0.96
CA ARG A 632 13.17 10.45 1.28
C ARG A 632 13.22 10.95 2.71
N TYR A 633 13.80 10.17 3.61
CA TYR A 633 13.74 10.54 5.02
C TYR A 633 15.09 10.87 5.59
N MET A 634 16.14 10.25 5.04
CA MET A 634 17.47 10.36 5.61
C MET A 634 18.45 11.24 4.85
N GLY A 635 18.13 11.63 3.62
CA GLY A 635 19.07 12.29 2.74
C GLY A 635 20.04 11.30 2.15
N LEU A 636 21.18 11.79 1.64
CA LEU A 636 22.23 10.91 1.09
C LEU A 636 23.26 10.61 2.18
N PRO A 637 23.85 9.41 2.15
CA PRO A 637 24.86 9.03 3.14
C PRO A 637 26.26 9.50 2.75
N THR A 638 26.46 10.80 2.54
CA THR A 638 27.78 11.30 2.16
C THR A 638 28.22 12.29 3.23
N PRO A 639 29.54 12.44 3.42
CA PRO A 639 30.08 13.23 4.54
C PRO A 639 29.53 14.65 4.61
N GLU A 640 28.95 15.14 3.52
CA GLU A 640 28.43 16.50 3.45
C GLU A 640 26.93 16.58 3.70
N ASP A 641 26.23 15.46 3.43
CA ASP A 641 24.79 15.38 3.64
C ASP A 641 24.50 14.82 5.02
N ASN A 642 24.09 13.56 5.09
CA ASN A 642 23.73 12.96 6.37
C ASN A 642 24.45 11.66 6.63
N LEU A 643 25.74 11.59 6.27
CA LEU A 643 26.51 10.36 6.55
C LEU A 643 26.63 10.02 8.02
N ASP A 644 26.63 11.05 8.88
CA ASP A 644 26.91 10.87 10.29
C ASP A 644 25.79 10.18 11.06
N HIS A 645 24.54 10.56 10.78
CA HIS A 645 23.45 9.85 11.42
C HIS A 645 23.18 8.48 10.76
N TYR A 646 23.41 8.40 9.46
CA TYR A 646 23.40 7.11 8.77
C TYR A 646 24.24 6.11 9.54
N ARG A 647 25.30 6.59 10.21
CA ARG A 647 26.20 5.77 11.03
C ARG A 647 25.72 5.64 12.49
N ASN A 648 25.26 6.74 13.07
CA ASN A 648 24.75 6.74 14.44
C ASN A 648 23.49 5.86 14.63
N SER A 649 22.99 5.21 13.58
CA SER A 649 21.65 4.58 13.66
C SER A 649 21.49 3.08 13.27
N THR A 650 22.60 2.36 13.27
CA THR A 650 22.61 0.93 12.95
C THR A 650 22.27 0.11 14.17
N VAL A 651 21.68 -1.05 13.95
CA VAL A 651 21.46 -2.01 15.04
C VAL A 651 22.79 -2.54 15.59
N MET A 652 23.75 -2.71 14.68
CA MET A 652 25.04 -3.32 14.97
C MET A 652 25.85 -2.57 16.03
N SER A 653 25.86 -1.24 15.92
CA SER A 653 26.58 -0.42 16.88
C SER A 653 25.96 -0.58 18.27
N ARG A 654 24.83 -1.25 18.38
CA ARG A 654 24.17 -1.39 19.67
C ARG A 654 24.22 -2.81 20.17
N ALA A 655 25.24 -3.55 19.76
CA ALA A 655 25.27 -4.98 20.02
C ALA A 655 25.49 -5.33 21.49
N GLU A 656 26.43 -4.62 22.13
CA GLU A 656 26.78 -4.90 23.53
C GLU A 656 25.60 -4.79 24.50
N ASN A 657 24.61 -3.97 24.15
CA ASN A 657 23.50 -3.72 25.06
C ASN A 657 22.49 -4.84 25.04
N PHE A 658 22.63 -5.74 24.10
CA PHE A 658 21.75 -6.89 23.97
C PHE A 658 22.02 -7.96 25.03
N LYS A 659 23.19 -7.88 25.68
CA LYS A 659 23.54 -8.80 26.78
C LYS A 659 22.42 -8.89 27.83
N GLN A 660 21.67 -7.79 27.93
CA GLN A 660 20.63 -7.59 28.92
C GLN A 660 19.24 -8.12 28.56
N VAL A 661 19.08 -8.85 27.44
CA VAL A 661 17.74 -9.21 26.91
C VAL A 661 17.72 -10.50 26.10
N GLU A 662 16.52 -11.04 25.84
CA GLU A 662 16.34 -12.18 24.94
C GLU A 662 15.82 -11.78 23.58
N TYR A 663 16.41 -12.30 22.51
CA TYR A 663 16.19 -11.73 21.18
C TYR A 663 16.01 -12.82 20.16
N LEU A 664 14.94 -12.72 19.37
CA LEU A 664 14.70 -13.69 18.31
C LEU A 664 14.71 -13.04 16.93
N LEU A 665 15.79 -13.23 16.18
CA LEU A 665 15.95 -12.69 14.83
C LEU A 665 15.41 -13.65 13.83
N ILE A 666 14.52 -13.19 12.97
CA ILE A 666 13.98 -14.03 11.90
C ILE A 666 14.18 -13.34 10.55
N HIS A 667 14.45 -14.10 9.49
CA HIS A 667 14.58 -13.52 8.14
C HIS A 667 14.36 -14.55 7.04
N GLY A 668 13.65 -14.17 5.98
CA GLY A 668 13.55 -14.99 4.80
C GLY A 668 14.76 -14.84 3.90
N THR A 669 15.28 -15.98 3.41
CA THR A 669 16.53 -15.99 2.60
C THR A 669 16.39 -15.41 1.19
N ALA A 670 15.16 -15.34 0.69
CA ALA A 670 14.84 -14.80 -0.62
C ALA A 670 14.20 -13.41 -0.48
N ASP A 671 14.56 -12.66 0.56
CA ASP A 671 13.94 -11.37 0.72
C ASP A 671 14.57 -10.37 -0.29
N ASP A 672 13.79 -10.02 -1.29
CA ASP A 672 14.20 -9.03 -2.27
C ASP A 672 14.07 -7.63 -1.68
N ASN A 673 13.10 -7.43 -0.79
CA ASN A 673 12.85 -6.09 -0.21
C ASN A 673 13.88 -5.65 0.83
N VAL A 674 13.84 -6.27 2.00
CA VAL A 674 14.84 -6.06 3.05
C VAL A 674 15.76 -7.27 2.98
N HIS A 675 16.95 -7.11 2.43
CA HIS A 675 17.74 -8.30 2.13
C HIS A 675 18.25 -9.04 3.35
N PHE A 676 18.41 -10.35 3.20
CA PHE A 676 18.86 -11.21 4.27
C PHE A 676 20.11 -10.63 4.90
N GLN A 677 20.90 -9.94 4.08
CA GLN A 677 22.11 -9.24 4.53
C GLN A 677 21.86 -8.31 5.74
N GLN A 678 20.74 -7.60 5.73
CA GLN A 678 20.38 -6.79 6.89
C GLN A 678 20.50 -7.53 8.22
N SER A 679 19.84 -8.69 8.37
CA SER A 679 20.01 -9.53 9.56
C SER A 679 21.38 -10.23 9.63
N ALA A 680 21.85 -10.78 8.52
CA ALA A 680 23.18 -11.40 8.49
C ALA A 680 24.25 -10.56 9.20
N GLN A 681 24.01 -9.26 9.25
CA GLN A 681 24.95 -8.33 9.84
C GLN A 681 24.59 -8.02 11.29
N ILE A 682 23.33 -8.20 11.64
CA ILE A 682 22.90 -8.04 13.04
C ILE A 682 23.44 -9.22 13.85
N SER A 683 23.52 -10.38 13.20
CA SER A 683 23.84 -11.60 13.91
C SER A 683 25.35 -11.71 14.07
N LYS A 684 26.07 -11.35 13.01
CA LYS A 684 27.51 -11.33 13.03
C LYS A 684 27.99 -10.38 14.12
N ALA A 685 27.34 -9.22 14.22
CA ALA A 685 27.63 -8.23 15.26
C ALA A 685 27.43 -8.85 16.62
N LEU A 686 26.30 -9.54 16.80
CA LEU A 686 25.98 -10.17 18.08
C LEU A 686 26.98 -11.26 18.46
N VAL A 687 27.36 -12.06 17.48
CA VAL A 687 28.28 -13.13 17.71
C VAL A 687 29.56 -12.54 18.25
N ASP A 688 29.91 -11.35 17.78
CA ASP A 688 31.26 -10.79 17.91
C ASP A 688 31.53 -10.23 19.27
N VAL A 689 30.48 -10.03 20.05
CA VAL A 689 30.64 -9.41 21.36
C VAL A 689 30.08 -10.36 22.40
N GLY A 690 29.90 -11.61 21.99
CA GLY A 690 29.56 -12.71 22.87
C GLY A 690 28.16 -12.75 23.46
N VAL A 691 27.16 -12.42 22.65
CA VAL A 691 25.78 -12.36 23.12
C VAL A 691 24.99 -13.55 22.55
N ASP A 692 24.24 -14.20 23.45
CA ASP A 692 23.37 -15.29 23.04
C ASP A 692 21.97 -14.80 22.67
N PHE A 693 21.42 -15.40 21.62
CA PHE A 693 20.20 -14.95 21.00
C PHE A 693 19.71 -16.08 20.10
N GLN A 694 18.44 -16.01 19.73
CA GLN A 694 17.80 -17.05 18.93
C GLN A 694 17.54 -16.58 17.50
N ALA A 695 17.81 -17.42 16.52
CA ALA A 695 17.66 -17.05 15.12
C ALA A 695 16.80 -18.06 14.43
N MET A 696 16.24 -17.67 13.29
CA MET A 696 15.52 -18.59 12.46
C MET A 696 15.56 -18.01 11.06
N TRP A 697 16.09 -18.78 10.11
CA TRP A 697 16.04 -18.36 8.72
C TRP A 697 14.84 -19.03 8.10
N TYR A 698 14.29 -18.43 7.05
CA TYR A 698 13.15 -19.03 6.36
C TYR A 698 13.44 -19.15 4.87
N THR A 699 13.85 -20.34 4.43
CA THR A 699 14.43 -20.48 3.12
C THR A 699 13.45 -20.27 1.98
N ASP A 700 13.87 -19.45 1.01
CA ASP A 700 13.12 -19.10 -0.20
C ASP A 700 11.94 -18.18 0.09
N GLU A 701 11.66 -17.93 1.36
CA GLU A 701 10.59 -17.00 1.73
C GLU A 701 10.98 -15.56 1.43
N ASP A 702 10.01 -14.72 1.06
CA ASP A 702 10.32 -13.30 0.88
C ASP A 702 9.93 -12.45 2.08
N HIS A 703 9.65 -11.17 1.85
CA HIS A 703 9.45 -10.22 2.93
C HIS A 703 8.23 -10.46 3.76
N GLY A 704 7.19 -11.05 3.17
CA GLY A 704 5.97 -11.32 3.90
C GLY A 704 5.86 -12.75 4.41
N ILE A 705 6.91 -13.55 4.20
CA ILE A 705 6.90 -14.96 4.58
C ILE A 705 5.48 -15.47 4.42
N ALA A 706 4.96 -15.40 3.19
CA ALA A 706 3.55 -15.66 2.93
C ALA A 706 3.22 -17.14 2.76
N SER A 707 4.18 -17.96 2.36
CA SER A 707 3.89 -19.38 2.14
C SER A 707 3.09 -19.97 3.31
N SER A 708 2.03 -20.70 2.98
CA SER A 708 1.13 -21.24 3.99
C SER A 708 1.81 -21.98 5.16
N THR A 709 2.70 -22.90 4.79
CA THR A 709 3.51 -23.69 5.71
C THR A 709 4.48 -22.80 6.51
N ALA A 710 5.03 -21.77 5.86
CA ALA A 710 6.00 -20.90 6.54
C ALA A 710 5.28 -20.01 7.57
N HIS A 711 4.22 -19.34 7.11
CA HIS A 711 3.33 -18.57 7.98
C HIS A 711 3.03 -19.26 9.31
N GLN A 712 2.44 -20.46 9.21
CA GLN A 712 2.06 -21.27 10.36
C GLN A 712 3.28 -21.53 11.18
N HIS A 713 4.34 -21.94 10.52
CA HIS A 713 5.61 -22.15 11.21
C HIS A 713 6.11 -20.93 11.99
N ILE A 714 6.09 -19.74 11.40
CA ILE A 714 6.65 -18.58 12.08
C ILE A 714 5.79 -18.23 13.29
N TYR A 715 4.47 -18.20 13.12
CA TYR A 715 3.63 -17.83 14.24
C TYR A 715 3.67 -18.93 15.31
N THR A 716 3.96 -20.16 14.92
CA THR A 716 4.21 -21.15 15.93
C THR A 716 5.50 -20.73 16.65
N HIS A 717 6.55 -20.51 15.89
CA HIS A 717 7.87 -20.39 16.51
C HIS A 717 7.84 -19.24 17.48
N MET A 718 7.30 -18.13 17.01
CA MET A 718 7.16 -16.90 17.73
C MET A 718 6.42 -17.11 19.04
N SER A 719 5.36 -17.88 19.00
CA SER A 719 4.56 -18.18 20.18
C SER A 719 5.35 -18.88 21.27
N HIS A 720 6.08 -19.93 20.93
CA HIS A 720 6.92 -20.62 21.91
C HIS A 720 7.85 -19.62 22.57
N PHE A 721 8.69 -18.93 21.81
CA PHE A 721 9.54 -17.90 22.35
C PHE A 721 8.81 -17.01 23.34
N ILE A 722 7.61 -16.56 22.97
CA ILE A 722 6.85 -15.61 23.78
C ILE A 722 6.48 -16.18 25.14
N LYS A 723 5.88 -17.37 25.13
CA LYS A 723 5.47 -18.03 26.34
C LYS A 723 6.68 -18.30 27.23
N GLN A 724 7.76 -18.76 26.62
CA GLN A 724 8.98 -19.09 27.34
C GLN A 724 9.49 -17.92 28.18
N CYS A 725 9.51 -16.70 27.62
CA CYS A 725 10.00 -15.54 28.37
C CYS A 725 9.06 -15.14 29.48
N PHE A 726 7.80 -15.57 29.36
CA PHE A 726 6.73 -15.17 30.26
C PHE A 726 6.39 -16.21 31.32
N SER A 727 6.97 -17.41 31.20
CA SER A 727 6.77 -18.56 32.13
C SER A 727 5.35 -19.14 32.10
N LEU A 728 4.87 -19.47 30.90
CA LEU A 728 3.51 -20.02 30.69
C LEU A 728 3.62 -21.43 30.08
N PRO A 729 2.70 -22.34 30.47
CA PRO A 729 2.83 -23.80 30.17
C PRO A 729 2.52 -24.34 28.74
C1 NAG B . -33.20 -6.74 -12.91
C2 NAG B . -32.34 -7.20 -14.09
C3 NAG B . -32.71 -6.54 -15.41
C4 NAG B . -34.24 -6.31 -15.58
C5 NAG B . -34.98 -6.07 -14.24
C6 NAG B . -36.50 -6.22 -14.36
C7 NAG B . -30.12 -7.85 -13.40
C8 NAG B . -29.00 -7.34 -12.55
N2 NAG B . -30.94 -6.91 -13.88
O3 NAG B . -32.17 -7.36 -16.43
O4 NAG B . -34.48 -5.20 -16.43
O5 NAG B . -34.55 -6.95 -13.22
O6 NAG B . -36.84 -7.56 -14.59
O7 NAG B . -30.25 -9.04 -13.62
C1 NAG B . -34.86 -5.62 -17.76
C2 NAG B . -36.12 -4.90 -18.28
C3 NAG B . -36.78 -5.73 -19.39
C4 NAG B . -35.73 -6.55 -20.18
C5 NAG B . -35.00 -7.53 -19.26
C6 NAG B . -33.60 -7.91 -19.80
C7 NAG B . -37.65 -3.50 -16.90
C8 NAG B . -39.16 -3.39 -16.98
N2 NAG B . -37.11 -4.68 -17.24
O3 NAG B . -37.53 -4.89 -20.25
O4 NAG B . -36.34 -7.26 -21.25
O5 NAG B . -34.96 -7.03 -17.92
O6 NAG B . -32.66 -6.86 -19.69
O7 NAG B . -36.99 -2.53 -16.51
C1 MAN B . -35.88 -6.72 -22.51
C2 MAN B . -36.32 -7.61 -23.68
C3 MAN B . -35.91 -6.93 -25.01
C4 MAN B . -36.51 -5.52 -25.07
C5 MAN B . -36.00 -4.69 -23.87
C6 MAN B . -36.71 -3.34 -23.81
O2 MAN B . -37.71 -7.88 -23.62
O3 MAN B . -36.27 -7.70 -26.15
O4 MAN B . -36.19 -4.88 -26.28
O5 MAN B . -36.28 -5.35 -22.65
O6 MAN B . -38.09 -3.63 -23.70
C1 MAN B . -38.90 -2.44 -23.90
C2 MAN B . -40.30 -2.76 -23.34
C3 MAN B . -41.23 -3.39 -24.41
C4 MAN B . -41.12 -2.75 -25.81
C5 MAN B . -39.63 -2.63 -26.23
C6 MAN B . -39.44 -2.00 -27.62
O2 MAN B . -40.82 -1.61 -22.69
O3 MAN B . -42.59 -3.42 -24.01
O4 MAN B . -41.91 -3.47 -26.74
O5 MAN B . -38.90 -1.91 -25.23
O6 MAN B . -38.82 -0.73 -27.52
C1 NAG C . 1.54 -20.89 -24.05
C2 NAG C . 1.28 -20.91 -25.57
C3 NAG C . 0.47 -22.16 -26.00
C4 NAG C . 1.04 -23.48 -25.44
C5 NAG C . 1.62 -23.36 -24.00
C6 NAG C . 2.66 -24.46 -23.72
C7 NAG C . 1.24 -18.69 -26.70
C8 NAG C . 0.35 -17.63 -27.27
N2 NAG C . 0.62 -19.68 -26.03
O3 NAG C . 0.41 -22.23 -27.41
O4 NAG C . -0.03 -24.43 -25.40
O5 NAG C . 2.17 -22.09 -23.62
O6 NAG C . 3.92 -24.17 -24.26
O7 NAG C . 2.47 -18.59 -26.85
C1 NAG C . 0.03 -25.42 -26.46
C2 NAG C . -0.25 -26.80 -25.83
C3 NAG C . -0.83 -27.87 -26.78
C4 NAG C . -1.62 -27.30 -27.97
C5 NAG C . -0.95 -26.04 -28.51
C6 NAG C . -1.72 -25.44 -29.69
C7 NAG C . 0.92 -27.83 -23.92
C8 NAG C . 0.95 -26.94 -22.70
N2 NAG C . 0.95 -27.28 -25.14
O3 NAG C . -1.73 -28.69 -26.08
O4 NAG C . -1.78 -28.29 -28.96
O5 NAG C . -0.92 -25.10 -27.46
O6 NAG C . -2.92 -24.85 -29.23
O7 NAG C . 0.85 -29.05 -23.75
C1 NAG D . -11.66 11.12 -28.94
C2 NAG D . -12.08 10.98 -30.42
C3 NAG D . -10.98 11.50 -31.36
C4 NAG D . -10.56 12.90 -30.94
C5 NAG D . -10.09 12.86 -29.47
C6 NAG D . -9.58 14.20 -28.96
C7 NAG D . -13.66 9.11 -30.52
C8 NAG D . -14.44 8.71 -31.75
N2 NAG D . -12.43 9.60 -30.73
O3 NAG D . -11.41 11.49 -32.71
O4 NAG D . -9.55 13.40 -31.82
O5 NAG D . -11.17 12.43 -28.63
O6 NAG D . -8.21 14.27 -29.29
O7 NAG D . -14.15 8.99 -29.40
C1 NAG E . 20.26 3.88 -20.96
C2 NAG E . 20.46 3.82 -22.48
C3 NAG E . 21.93 3.62 -22.86
C4 NAG E . 22.73 4.74 -22.21
C5 NAG E . 22.58 4.67 -20.68
C6 NAG E . 23.22 5.87 -19.99
C7 NAG E . 18.54 3.21 -23.80
C8 NAG E . 18.25 2.41 -25.04
N2 NAG E . 19.61 2.81 -23.10
O3 NAG E . 22.08 3.72 -24.26
O4 NAG E . 24.05 4.67 -22.68
O5 NAG E . 21.21 4.69 -20.28
O6 NAG E . 23.52 5.56 -18.65
O7 NAG E . 17.81 4.16 -23.48
C1 NAG F . 10.99 -0.90 -36.98
C2 NAG F . 11.36 -1.46 -38.36
C3 NAG F . 12.24 -2.72 -38.35
C4 NAG F . 13.30 -2.70 -37.25
C5 NAG F . 12.71 -2.23 -35.92
C6 NAG F . 13.80 -2.08 -34.89
C7 NAG F . 9.86 -1.19 -40.28
C8 NAG F . 9.34 -2.13 -41.34
N2 NAG F . 10.14 -1.74 -39.10
O3 NAG F . 12.90 -2.91 -39.59
O4 NAG F . 13.88 -3.98 -37.13
O5 NAG F . 12.10 -0.96 -36.08
O6 NAG F . 14.41 -0.83 -35.11
O7 NAG F . 10.01 0.01 -40.54
C1 NAG G . 15.51 20.47 0.61
C2 NAG G . 15.63 21.99 0.82
C3 NAG G . 17.00 22.54 1.30
C4 NAG G . 17.97 21.53 1.91
C5 NAG G . 17.79 20.13 1.28
C6 NAG G . 18.72 19.08 1.92
C7 NAG G . 14.08 23.36 -0.48
C8 NAG G . 13.77 23.98 -1.81
N2 NAG G . 15.23 22.67 -0.40
O3 NAG G . 16.76 23.54 2.26
O4 NAG G . 19.30 22.00 1.77
O5 NAG G . 16.43 19.73 1.41
O6 NAG G . 19.96 19.67 2.30
O7 NAG G . 13.31 23.48 0.50
N1 34Q H . 5.85 0.25 1.96
N3 34Q H . 8.79 -0.03 0.82
C4 34Q H . 8.73 -1.64 3.36
C5 34Q H . 10.82 -2.32 4.40
C6 34Q H . 11.82 -1.70 5.42
C7 34Q H . 9.97 -0.15 4.93
C8 34Q H . 11.36 -0.24 5.55
C10 34Q H . 4.51 0.38 1.80
C13 34Q H . 2.90 4.01 -0.01
C15 34Q H . 4.37 3.59 -1.95
C17 34Q H . 3.88 1.75 1.18
O2 34Q H . 3.77 -0.60 2.06
C18 34Q H . 2.84 2.60 1.89
N5 34Q H . 2.38 3.67 1.29
C14 34Q H . 3.83 3.24 -0.62
N4 34Q H . 4.32 2.09 0.00
C16 34Q H . 3.93 4.72 -2.62
C12 34Q H . 2.41 5.21 -0.70
C11 34Q H . 2.91 5.57 -1.97
C1 34Q H . 6.47 -1.02 2.29
C2 34Q H . 7.72 -0.53 3.01
C3 34Q H . 8.21 0.54 2.06
C9 34Q H . 6.88 1.27 1.82
O1 34Q H . 8.55 -2.75 2.85
N2 34Q H . 9.75 -1.37 4.17
#